data_3UGF
#
_entry.id   3UGF
#
_cell.length_a   89.080
_cell.length_b   125.270
_cell.length_c   148.950
_cell.angle_alpha   90.000
_cell.angle_beta   90.000
_cell.angle_gamma   90.000
#
_symmetry.space_group_name_H-M   'P 21 21 21'
#
loop_
_entity.id
_entity.type
_entity.pdbx_description
1 polymer 'Sucrose:(Sucrose/fructan) 6-fructosyltransferase'
2 branched alpha-L-fucopyranose-(1-3)-2-acetamido-2-deoxy-beta-D-glucopyranose
3 branched alpha-L-fucopyranose-(1-3)-[2-acetamido-2-deoxy-beta-D-glucopyranose-(1-4)]2-acetamido-2-deoxy-beta-D-glucopyranose
4 branched beta-D-mannopyranose-(1-4)-2-acetamido-2-deoxy-beta-D-glucopyranose-(1-4)-2-acetamido-2-deoxy-beta-D-glucopyranose
5 branched beta-D-mannopyranose-(1-4)-2-acetamido-2-deoxy-beta-D-glucopyranose-(1-4)-[alpha-L-fucopyranose-(1-3)]2-acetamido-2-deoxy-beta-D-glucopyranose
6 branched alpha-D-mannopyranose-(1-6)-beta-D-mannopyranose-(1-4)-2-acetamido-2-deoxy-beta-D-glucopyranose-(1-4)-[alpha-L-fucopyranose-(1-3)]2-acetamido-2-deoxy-beta-D-glucopyranose
7 branched 2-acetamido-2-deoxy-beta-D-glucopyranose-(1-2)-alpha-D-mannopyranose-(1-3)-beta-D-mannopyranose-(1-4)-2-acetamido-2-deoxy-beta-D-glucopyranose-(1-4)-[alpha-L-fucopyranose-(1-3)]2-acetamido-2-deoxy-beta-D-glucopyranose
8 non-polymer GLYCEROL
9 non-polymer 'SULFATE ION'
10 water water
#
_entity_poly.entity_id   1
_entity_poly.type   'polypeptide(L)'
_entity_poly.pdbx_seq_one_letter_code
;FPDNAVPYPWSNAQLSWQRTAFHFQPERSWMSDPDGPIFYKGWYHFFYQYNPDNPVWGNNTWGHTVSRDLIHWLYLPLAL
AADQWYDMQGVFSGSATCLPDGRIMMLYTGVTKEMVEMLSLAYPADLSDPLLVEWVKYPGNPILSAPPGVSPTEFRDAST
GWYVSNGTWRIAIGAKYNTTGIAMVYETKDFKSFKLLEELLHAVPDTGLWECVDLYPVSTTGEKGLETSVNGPKVKHVLK
ASIDEQQRDYYAIGTYDLGTNKWTPDNPEEDVGIGLRYDWGKYYASKTFYDPKKQRRVVWAWTKELDSEVADREKGWANV
QTIPRTVLLDQKTGTNVLLWPVEEVESLRLSSKEFSKVKAGAGSVVPLDVGTATQLDIIAEFEIDKEALEGTIEADMGYN
CTTSGGAAERGVLGPFGLLVSATENLSEQTPVYFYIAKGTDGNFKTFFCLDESRSSKASDVSKQVKGFTVPVLDGEKFTM
RLLVDHSIVESFAQGGRSCITSRVYPTEAIYGAAKLFLFNNATGASITASLKIWEMNSAFIQPFHR
;
_entity_poly.pdbx_strand_id   A,B
#
# COMPACT_ATOMS: atom_id res chain seq x y z
N PRO A 7 6.78 20.76 -24.73
CA PRO A 7 6.52 20.06 -23.47
C PRO A 7 5.04 19.73 -23.30
N TYR A 8 4.75 18.54 -22.77
CA TYR A 8 3.37 18.09 -22.57
C TYR A 8 2.78 18.70 -21.29
N PRO A 9 1.51 19.15 -21.34
CA PRO A 9 0.87 19.74 -20.16
C PRO A 9 0.30 18.69 -19.19
N TRP A 10 1.19 18.02 -18.45
CA TRP A 10 0.84 16.93 -17.53
C TRP A 10 -0.17 17.35 -16.46
N SER A 11 -1.20 16.53 -16.26
CA SER A 11 -2.18 16.77 -15.21
C SER A 11 -1.71 16.13 -13.91
N ASN A 12 -2.31 16.53 -12.79
CA ASN A 12 -2.01 15.93 -11.48
C ASN A 12 -2.30 14.44 -11.47
N ALA A 13 -3.38 14.04 -12.13
CA ALA A 13 -3.79 12.63 -12.21
C ALA A 13 -2.82 11.78 -13.03
N GLN A 14 -2.32 12.34 -14.13
CA GLN A 14 -1.31 11.65 -14.94
C GLN A 14 -0.01 11.47 -14.16
N LEU A 15 0.40 12.52 -13.45
CA LEU A 15 1.65 12.47 -12.67
C LEU A 15 1.56 11.58 -11.44
N SER A 16 0.45 11.66 -10.71
CA SER A 16 0.26 10.84 -9.50
C SER A 16 0.33 9.34 -9.80
N TRP A 17 -0.20 8.95 -10.96
CA TRP A 17 -0.22 7.54 -11.37
C TRP A 17 1.19 6.95 -11.53
N GLN A 18 2.17 7.78 -11.82
CA GLN A 18 3.54 7.31 -12.10
C GLN A 18 4.27 6.66 -10.91
N ARG A 19 3.89 7.04 -9.70
CA ARG A 19 4.49 6.45 -8.49
C ARG A 19 4.22 4.94 -8.43
N THR A 20 5.24 4.17 -8.07
CA THR A 20 5.12 2.71 -8.10
C THR A 20 4.41 2.16 -6.85
N ALA A 21 3.81 0.99 -7.01
CA ALA A 21 3.14 0.29 -5.91
C ALA A 21 4.06 -0.63 -5.10
N PHE A 22 5.06 -1.21 -5.75
CA PHE A 22 5.90 -2.22 -5.08
C PHE A 22 7.42 -2.16 -5.33
N HIS A 23 7.89 -1.06 -5.91
CA HIS A 23 9.34 -0.83 -6.07
C HIS A 23 9.83 0.13 -4.98
N PHE A 24 11.09 -0.01 -4.57
CA PHE A 24 11.63 0.95 -3.62
C PHE A 24 11.84 2.35 -4.20
N GLN A 25 11.25 3.33 -3.53
CA GLN A 25 11.53 4.75 -3.74
C GLN A 25 11.24 5.50 -2.45
N PRO A 26 11.95 6.63 -2.19
CA PRO A 26 11.67 7.37 -0.96
C PRO A 26 10.33 8.10 -1.02
N GLU A 27 9.93 8.71 0.09
CA GLU A 27 8.65 9.44 0.14
C GLU A 27 8.59 10.53 -0.93
N ARG A 28 9.72 11.23 -1.13
CA ARG A 28 9.84 12.29 -2.13
C ARG A 28 11.29 12.48 -2.58
N SER A 29 11.48 13.32 -3.60
CA SER A 29 12.80 13.83 -4.01
C SER A 29 13.65 12.87 -4.85
N TRP A 30 14.92 13.21 -5.07
CA TRP A 30 15.84 12.43 -5.90
C TRP A 30 16.51 11.29 -5.13
N MET A 31 16.50 10.10 -5.73
CA MET A 31 17.30 8.95 -5.27
C MET A 31 18.10 8.42 -6.46
N SER A 32 19.35 8.01 -6.23
CA SER A 32 20.10 7.31 -7.29
C SER A 32 20.91 6.10 -6.79
N ASP A 33 22.24 6.15 -6.88
CA ASP A 33 23.09 4.96 -6.72
C ASP A 33 22.86 4.15 -5.43
N PRO A 34 22.77 2.81 -5.56
CA PRO A 34 22.86 1.92 -4.39
C PRO A 34 24.16 2.14 -3.58
N ASP A 35 24.05 2.08 -2.26
CA ASP A 35 25.21 2.18 -1.37
C ASP A 35 25.19 1.08 -0.31
N GLY A 36 26.36 0.47 -0.09
CA GLY A 36 26.61 -0.46 1.01
C GLY A 36 25.55 -1.49 1.42
N PRO A 37 24.94 -2.20 0.44
CA PRO A 37 23.95 -3.21 0.82
C PRO A 37 24.53 -4.37 1.63
N ILE A 38 23.83 -4.77 2.69
CA ILE A 38 24.24 -5.89 3.55
C ILE A 38 23.03 -6.60 4.17
N PHE A 39 23.26 -7.82 4.67
CA PHE A 39 22.31 -8.46 5.59
C PHE A 39 22.93 -8.47 6.99
N TYR A 40 22.16 -8.06 7.99
CA TYR A 40 22.69 -7.94 9.36
C TYR A 40 21.60 -8.16 10.40
N LYS A 41 21.83 -9.13 11.28
CA LYS A 41 20.95 -9.38 12.43
C LYS A 41 19.46 -9.42 12.08
N GLY A 42 19.13 -10.17 11.03
CA GLY A 42 17.74 -10.39 10.63
C GLY A 42 17.14 -9.38 9.67
N TRP A 43 17.90 -8.35 9.32
CA TRP A 43 17.44 -7.30 8.40
C TRP A 43 18.31 -7.18 7.15
N TYR A 44 17.66 -7.02 5.99
CA TYR A 44 18.34 -6.54 4.80
C TYR A 44 18.43 -5.02 4.87
N HIS A 45 19.64 -4.50 4.71
CA HIS A 45 19.92 -3.05 4.75
C HIS A 45 20.22 -2.54 3.35
N PHE A 46 19.62 -1.40 3.01
CA PHE A 46 19.89 -0.71 1.75
C PHE A 46 20.14 0.78 2.01
N PHE A 47 21.23 1.30 1.46
CA PHE A 47 21.52 2.74 1.51
C PHE A 47 21.51 3.27 0.08
N TYR A 48 21.35 4.58 -0.09
CA TYR A 48 21.21 5.16 -1.44
C TYR A 48 21.53 6.65 -1.51
N GLN A 49 22.02 7.10 -2.66
CA GLN A 49 22.22 8.52 -2.90
C GLN A 49 20.88 9.25 -2.83
N TYR A 50 20.86 10.38 -2.14
CA TYR A 50 19.63 11.11 -1.88
C TYR A 50 19.87 12.61 -1.85
N ASN A 51 19.07 13.37 -2.58
CA ASN A 51 19.04 14.83 -2.49
C ASN A 51 17.84 15.24 -1.64
N PRO A 52 18.09 15.79 -0.43
CA PRO A 52 16.97 16.17 0.43
C PRO A 52 16.15 17.36 -0.08
N ASP A 53 16.73 18.14 -1.01
CA ASP A 53 16.18 19.46 -1.36
C ASP A 53 15.36 19.55 -2.64
N ASN A 54 15.75 18.79 -3.66
CA ASN A 54 15.14 18.85 -4.99
C ASN A 54 15.18 17.50 -5.71
N PRO A 55 14.21 17.23 -6.62
CA PRO A 55 14.22 15.99 -7.40
C PRO A 55 15.20 16.02 -8.59
N VAL A 56 16.40 16.52 -8.35
CA VAL A 56 17.50 16.50 -9.32
C VAL A 56 18.76 16.04 -8.57
N TRP A 57 19.80 15.66 -9.32
CA TRP A 57 21.07 15.24 -8.71
C TRP A 57 21.69 16.38 -7.91
N GLY A 58 22.24 16.07 -6.76
CA GLY A 58 22.96 17.08 -5.96
C GLY A 58 22.82 16.94 -4.46
N ASN A 59 23.53 17.81 -3.73
CA ASN A 59 23.51 17.85 -2.26
C ASN A 59 23.51 16.45 -1.64
N ASN A 60 24.45 15.61 -2.10
CA ASN A 60 24.40 14.17 -1.90
C ASN A 60 24.57 13.67 -0.47
N THR A 61 23.58 12.89 -0.03
CA THR A 61 23.55 12.24 1.28
C THR A 61 23.18 10.78 1.09
N TRP A 62 23.19 10.00 2.17
CA TRP A 62 22.75 8.60 2.13
C TRP A 62 21.44 8.38 2.88
N GLY A 63 20.40 7.97 2.16
CA GLY A 63 19.19 7.43 2.76
C GLY A 63 19.43 6.02 3.27
N HIS A 64 18.51 5.50 4.07
CA HIS A 64 18.67 4.18 4.70
C HIS A 64 17.29 3.56 4.89
N THR A 65 17.16 2.30 4.47
CA THR A 65 15.91 1.53 4.61
C THR A 65 16.23 0.07 4.98
N VAL A 66 15.29 -0.58 5.67
CA VAL A 66 15.44 -2.00 6.03
C VAL A 66 14.19 -2.83 5.67
N SER A 67 14.39 -4.14 5.48
CA SER A 67 13.28 -5.07 5.29
C SER A 67 13.65 -6.46 5.76
N ARG A 68 12.64 -7.27 6.06
CA ARG A 68 12.85 -8.66 6.44
C ARG A 68 13.05 -9.55 5.21
N ASP A 69 12.66 -9.05 4.04
CA ASP A 69 12.46 -9.91 2.87
C ASP A 69 12.84 -9.31 1.50
N LEU A 70 13.56 -8.19 1.50
CA LEU A 70 13.95 -7.47 0.28
C LEU A 70 12.79 -6.85 -0.54
N ILE A 71 11.60 -6.81 0.07
CA ILE A 71 10.38 -6.30 -0.60
C ILE A 71 9.63 -5.27 0.26
N HIS A 72 9.38 -5.63 1.52
CA HIS A 72 8.59 -4.78 2.41
C HIS A 72 9.45 -3.77 3.18
N TRP A 73 9.83 -2.72 2.48
CA TRP A 73 10.79 -1.72 2.99
C TRP A 73 10.20 -0.76 4.00
N LEU A 74 11.04 -0.36 4.95
CA LEU A 74 10.66 0.60 6.01
C LEU A 74 11.70 1.70 6.05
N TYR A 75 11.25 2.95 5.99
CA TYR A 75 12.16 4.11 6.02
C TYR A 75 12.79 4.34 7.39
N LEU A 76 14.12 4.53 7.40
CA LEU A 76 14.87 4.88 8.60
C LEU A 76 15.44 6.30 8.48
N PRO A 77 16.00 6.85 9.59
CA PRO A 77 16.61 8.19 9.45
C PRO A 77 17.82 8.18 8.51
N LEU A 78 18.13 9.37 7.97
CA LEU A 78 19.32 9.56 7.12
C LEU A 78 20.58 9.02 7.80
N ALA A 79 21.37 8.26 7.04
CA ALA A 79 22.56 7.59 7.59
C ALA A 79 23.83 8.45 7.60
N LEU A 80 24.08 9.14 6.49
CA LEU A 80 25.28 9.98 6.36
C LEU A 80 24.93 11.30 5.68
N ALA A 81 25.43 12.40 6.24
CA ALA A 81 25.21 13.74 5.69
C ALA A 81 26.52 14.37 5.21
N ALA A 82 26.39 15.38 4.35
CA ALA A 82 27.56 16.12 3.87
C ALA A 82 27.86 17.22 4.89
N ASP A 83 28.73 16.90 5.86
CA ASP A 83 28.89 17.77 7.04
C ASP A 83 30.33 18.00 7.54
N GLN A 84 31.32 17.53 6.80
CA GLN A 84 32.73 17.79 7.12
C GLN A 84 33.41 18.39 5.90
N TRP A 85 34.54 19.08 6.10
CA TRP A 85 35.23 19.74 4.98
C TRP A 85 35.53 18.76 3.84
N TYR A 86 35.87 17.52 4.19
CA TYR A 86 36.28 16.50 3.23
C TYR A 86 35.12 15.81 2.50
N ASP A 87 33.90 16.09 2.92
CA ASP A 87 32.72 15.59 2.20
C ASP A 87 31.59 16.62 2.03
N MET A 88 31.94 17.90 2.12
CA MET A 88 30.95 19.00 2.09
C MET A 88 30.17 19.08 0.77
N GLN A 89 30.81 18.68 -0.33
CA GLN A 89 30.15 18.64 -1.64
C GLN A 89 29.49 17.30 -1.95
N GLY A 90 29.41 16.43 -0.95
CA GLY A 90 28.63 15.20 -1.06
C GLY A 90 29.31 13.94 -0.56
N VAL A 91 28.47 13.01 -0.09
CA VAL A 91 28.87 11.67 0.33
C VAL A 91 28.44 10.69 -0.77
N PHE A 92 29.39 9.91 -1.29
CA PHE A 92 29.14 9.08 -2.48
C PHE A 92 29.54 7.61 -2.39
N SER A 93 28.84 6.78 -3.18
CA SER A 93 29.23 5.42 -3.57
C SER A 93 30.03 4.60 -2.53
N GLY A 94 29.32 4.01 -1.59
CA GLY A 94 29.97 3.26 -0.53
C GLY A 94 29.85 1.76 -0.71
N SER A 95 30.80 1.04 -0.12
CA SER A 95 30.77 -0.42 -0.05
C SER A 95 31.15 -0.86 1.35
N ALA A 96 30.43 -1.85 1.87
CA ALA A 96 30.70 -2.39 3.19
C ALA A 96 31.56 -3.65 3.10
N THR A 97 32.52 -3.77 4.00
CA THR A 97 33.21 -5.05 4.21
C THR A 97 32.94 -5.51 5.64
N CYS A 98 32.41 -6.72 5.77
CA CYS A 98 32.08 -7.29 7.08
C CYS A 98 33.18 -8.25 7.53
N LEU A 99 33.81 -7.92 8.65
CA LEU A 99 34.98 -8.65 9.15
C LEU A 99 34.58 -9.80 10.09
N PRO A 100 35.47 -10.82 10.22
CA PRO A 100 35.19 -11.99 11.08
C PRO A 100 34.90 -11.67 12.55
N ASP A 101 35.47 -10.58 13.06
CA ASP A 101 35.25 -10.17 14.46
C ASP A 101 33.90 -9.46 14.70
N GLY A 102 33.10 -9.32 13.65
CA GLY A 102 31.78 -8.71 13.75
C GLY A 102 31.71 -7.24 13.32
N ARG A 103 32.86 -6.64 13.04
CA ARG A 103 32.88 -5.24 12.64
C ARG A 103 32.37 -5.03 11.22
N ILE A 104 31.80 -3.85 10.98
CA ILE A 104 31.34 -3.44 9.65
C ILE A 104 32.10 -2.17 9.25
N MET A 105 32.86 -2.25 8.16
CA MET A 105 33.68 -1.13 7.70
C MET A 105 33.09 -0.59 6.41
N MET A 106 32.63 0.65 6.44
CA MET A 106 31.96 1.25 5.29
C MET A 106 32.86 2.30 4.64
N LEU A 107 33.38 1.97 3.46
CA LEU A 107 34.23 2.89 2.71
C LEU A 107 33.36 3.74 1.79
N TYR A 108 33.65 5.03 1.73
CA TYR A 108 32.89 5.93 0.83
C TYR A 108 33.79 7.00 0.22
N THR A 109 33.29 7.64 -0.82
CA THR A 109 33.99 8.76 -1.45
C THR A 109 33.37 10.08 -1.01
N GLY A 110 34.19 10.95 -0.43
CA GLY A 110 33.77 12.31 -0.08
C GLY A 110 34.36 13.33 -1.05
N VAL A 111 33.61 14.39 -1.31
CA VAL A 111 34.03 15.44 -2.25
C VAL A 111 34.16 16.79 -1.55
N THR A 112 35.29 17.46 -1.78
CA THR A 112 35.57 18.77 -1.18
C THR A 112 34.94 19.90 -2.00
N LYS A 113 34.99 21.12 -1.46
CA LYS A 113 34.52 22.32 -2.16
C LYS A 113 35.21 22.54 -3.52
N GLU A 114 36.41 21.96 -3.65
CA GLU A 114 37.21 22.08 -4.88
C GLU A 114 36.95 20.94 -5.86
N MET A 115 35.95 20.10 -5.55
CA MET A 115 35.56 18.92 -6.34
C MET A 115 36.56 17.76 -6.26
N VAL A 116 37.49 17.84 -5.31
CA VAL A 116 38.49 16.78 -5.10
C VAL A 116 37.84 15.59 -4.38
N GLU A 117 38.12 14.40 -4.88
CA GLU A 117 37.51 13.16 -4.39
C GLU A 117 38.53 12.34 -3.60
N MET A 118 38.14 11.95 -2.38
CA MET A 118 39.04 11.18 -1.50
C MET A 118 38.27 10.09 -0.75
N LEU A 119 38.94 8.97 -0.48
CA LEU A 119 38.31 7.88 0.27
C LEU A 119 38.24 8.20 1.77
N SER A 120 37.12 7.83 2.39
CA SER A 120 36.91 8.00 3.83
C SER A 120 36.24 6.76 4.42
N LEU A 121 36.24 6.65 5.74
CA LEU A 121 35.67 5.50 6.43
C LEU A 121 34.54 5.90 7.40
N ALA A 122 33.49 5.10 7.42
CA ALA A 122 32.44 5.22 8.43
C ALA A 122 32.09 3.84 8.99
N TYR A 123 31.51 3.81 10.18
CA TYR A 123 31.12 2.57 10.84
C TYR A 123 29.93 2.81 11.79
N PRO A 124 29.21 1.73 12.16
CA PRO A 124 28.09 1.91 13.10
C PRO A 124 28.52 2.47 14.46
N ALA A 125 27.67 3.31 15.04
CA ALA A 125 27.85 3.78 16.40
C ALA A 125 27.64 2.65 17.43
N ASP A 126 26.79 1.69 17.07
CA ASP A 126 26.38 0.61 17.98
C ASP A 126 26.08 -0.67 17.20
N LEU A 127 27.04 -1.60 17.18
CA LEU A 127 26.87 -2.88 16.49
C LEU A 127 25.78 -3.77 17.10
N SER A 128 25.35 -3.47 18.32
CA SER A 128 24.27 -4.23 18.96
C SER A 128 22.88 -3.80 18.46
N ASP A 129 22.82 -2.72 17.68
CA ASP A 129 21.59 -2.26 17.04
C ASP A 129 21.38 -2.97 15.71
N PRO A 130 20.39 -3.88 15.62
CA PRO A 130 20.12 -4.57 14.35
C PRO A 130 19.76 -3.61 13.23
N LEU A 131 19.21 -2.45 13.60
CA LEU A 131 18.75 -1.45 12.63
C LEU A 131 19.87 -0.52 12.16
N LEU A 132 21.01 -0.56 12.85
CA LEU A 132 22.17 0.28 12.49
C LEU A 132 21.76 1.73 12.17
N VAL A 133 21.03 2.35 13.09
CA VAL A 133 20.46 3.68 12.85
C VAL A 133 21.54 4.77 12.74
N GLU A 134 22.48 4.77 13.69
CA GLU A 134 23.50 5.82 13.79
C GLU A 134 24.84 5.38 13.22
N TRP A 135 25.42 6.25 12.38
CA TRP A 135 26.73 6.02 11.78
C TRP A 135 27.73 7.09 12.18
N VAL A 136 28.99 6.69 12.39
CA VAL A 136 30.07 7.56 12.86
C VAL A 136 31.17 7.62 11.79
N LYS A 137 31.77 8.79 11.62
CA LYS A 137 32.90 8.96 10.69
C LYS A 137 34.24 8.82 11.40
N TYR A 138 35.14 8.07 10.79
CA TYR A 138 36.49 7.84 11.32
C TYR A 138 37.21 9.17 11.54
N PRO A 139 37.71 9.43 12.77
CA PRO A 139 38.40 10.69 13.06
C PRO A 139 39.66 10.94 12.22
N GLY A 140 40.21 9.90 11.61
CA GLY A 140 41.37 10.03 10.74
C GLY A 140 41.05 10.34 9.28
N ASN A 141 39.76 10.53 8.97
CA ASN A 141 39.32 10.92 7.61
C ASN A 141 39.86 12.30 7.19
N PRO A 142 40.13 12.51 5.89
CA PRO A 142 40.08 11.52 4.81
C PRO A 142 41.31 10.63 4.79
N ILE A 143 41.16 9.41 4.28
CA ILE A 143 42.20 8.38 4.44
C ILE A 143 43.05 8.08 3.19
N LEU A 144 42.55 8.44 2.00
CA LEU A 144 43.27 8.11 0.76
C LEU A 144 43.00 9.13 -0.34
N SER A 145 44.09 9.68 -0.89
CA SER A 145 44.03 10.61 -2.03
C SER A 145 44.56 9.94 -3.29
N ALA A 146 44.25 10.53 -4.45
CA ALA A 146 44.59 9.93 -5.75
C ALA A 146 46.10 9.76 -5.96
N PRO A 147 46.51 8.64 -6.60
CA PRO A 147 47.91 8.42 -6.95
C PRO A 147 48.30 9.28 -8.15
N PRO A 148 49.61 9.38 -8.46
CA PRO A 148 50.07 10.28 -9.53
C PRO A 148 49.43 10.06 -10.91
N GLY A 149 49.06 8.82 -11.22
CA GLY A 149 48.52 8.49 -12.55
C GLY A 149 47.03 8.71 -12.75
N VAL A 150 46.33 9.14 -11.69
CA VAL A 150 44.86 9.31 -11.74
C VAL A 150 44.44 10.71 -11.27
N SER A 151 43.49 11.31 -11.97
CA SER A 151 42.98 12.65 -11.63
C SER A 151 42.34 12.67 -10.23
N PRO A 152 42.68 13.68 -9.41
CA PRO A 152 42.09 13.81 -8.08
C PRO A 152 40.61 14.22 -8.09
N THR A 153 40.09 14.60 -9.26
CA THR A 153 38.66 14.88 -9.40
C THR A 153 37.91 13.69 -10.01
N GLU A 154 38.61 12.58 -10.16
CA GLU A 154 38.03 11.34 -10.71
C GLU A 154 38.66 10.10 -10.05
N PHE A 155 38.47 10.01 -8.73
CA PHE A 155 39.07 8.99 -7.89
C PHE A 155 38.01 8.53 -6.89
N ARG A 156 37.25 7.51 -7.28
CA ARG A 156 35.97 7.21 -6.64
C ARG A 156 35.59 5.72 -6.62
N ASP A 157 34.68 5.37 -5.72
CA ASP A 157 33.92 4.09 -5.74
C ASP A 157 34.70 2.83 -5.33
N ALA A 158 35.15 2.77 -4.08
CA ALA A 158 35.79 1.55 -3.56
C ALA A 158 34.82 0.37 -3.50
N SER A 159 35.30 -0.82 -3.83
CA SER A 159 34.47 -2.03 -3.79
C SER A 159 34.42 -2.65 -2.39
N THR A 160 33.56 -3.66 -2.22
CA THR A 160 33.64 -4.56 -1.09
C THR A 160 34.96 -5.33 -1.16
N GLY A 161 35.58 -5.56 -0.01
CA GLY A 161 36.88 -6.23 0.06
C GLY A 161 36.83 -7.75 -0.05
N TRP A 162 37.94 -8.34 -0.47
CA TRP A 162 38.12 -9.79 -0.44
C TRP A 162 39.39 -10.15 0.33
N TYR A 163 39.36 -11.25 1.06
CA TYR A 163 40.45 -11.63 1.95
C TYR A 163 41.59 -12.36 1.23
N VAL A 164 42.82 -12.06 1.60
CA VAL A 164 43.99 -12.74 1.02
C VAL A 164 44.56 -13.76 2.02
N SER A 165 45.37 -13.27 2.95
CA SER A 165 46.00 -14.09 4.00
C SER A 165 46.70 -13.18 4.99
N ASN A 166 47.06 -13.72 6.15
CA ASN A 166 47.82 -13.00 7.18
C ASN A 166 47.26 -11.61 7.54
N GLY A 167 45.93 -11.49 7.53
CA GLY A 167 45.24 -10.26 7.92
C GLY A 167 45.04 -9.22 6.83
N THR A 168 45.56 -9.52 5.64
CA THR A 168 45.48 -8.59 4.49
C THR A 168 44.21 -8.77 3.65
N TRP A 169 43.53 -7.65 3.40
CA TRP A 169 42.37 -7.57 2.50
C TRP A 169 42.70 -6.73 1.27
N ARG A 170 41.99 -7.00 0.18
CA ARG A 170 42.12 -6.19 -1.04
C ARG A 170 40.80 -5.54 -1.40
N ILE A 171 40.86 -4.33 -1.96
CA ILE A 171 39.69 -3.64 -2.55
C ILE A 171 40.03 -3.18 -3.97
N ALA A 172 39.00 -2.98 -4.79
CA ALA A 172 39.17 -2.42 -6.12
C ALA A 172 38.67 -0.98 -6.21
N ILE A 173 39.38 -0.16 -6.96
CA ILE A 173 38.95 1.20 -7.30
C ILE A 173 39.12 1.38 -8.82
N GLY A 174 38.01 1.57 -9.52
CA GLY A 174 38.05 1.80 -10.96
C GLY A 174 38.52 3.21 -11.31
N ALA A 175 39.16 3.34 -12.47
CA ALA A 175 39.58 4.63 -13.01
C ALA A 175 39.81 4.50 -14.52
N LYS A 176 40.68 5.35 -15.08
CA LYS A 176 41.12 5.20 -16.47
C LYS A 176 42.55 5.73 -16.64
N TYR A 177 43.23 5.22 -17.66
CA TYR A 177 44.43 5.87 -18.18
C TYR A 177 44.11 6.25 -19.63
N ASN A 178 44.03 7.55 -19.90
CA ASN A 178 43.57 8.05 -21.22
C ASN A 178 42.19 7.48 -21.56
N THR A 179 42.08 6.70 -22.65
CA THR A 179 40.79 6.10 -23.02
C THR A 179 40.63 4.65 -22.53
N THR A 180 41.64 4.13 -21.85
CA THR A 180 41.63 2.76 -21.33
C THR A 180 41.02 2.68 -19.92
N GLY A 181 39.96 1.89 -19.76
CA GLY A 181 39.37 1.66 -18.44
C GLY A 181 40.24 0.73 -17.62
N ILE A 182 40.40 1.03 -16.32
CA ILE A 182 41.26 0.24 -15.43
C ILE A 182 40.61 -0.05 -14.08
N ALA A 183 41.10 -1.09 -13.41
CA ALA A 183 40.74 -1.35 -12.02
C ALA A 183 42.02 -1.51 -11.19
N MET A 184 42.27 -0.55 -10.31
CA MET A 184 43.39 -0.59 -9.37
C MET A 184 43.01 -1.44 -8.18
N VAL A 185 44.02 -2.01 -7.52
CA VAL A 185 43.81 -2.75 -6.27
C VAL A 185 44.68 -2.18 -5.15
N TYR A 186 44.05 -1.98 -3.99
CA TYR A 186 44.73 -1.54 -2.77
C TYR A 186 44.67 -2.62 -1.70
N GLU A 187 45.73 -2.72 -0.90
CA GLU A 187 45.75 -3.65 0.23
C GLU A 187 45.66 -2.91 1.57
N THR A 188 45.02 -3.56 2.54
CA THR A 188 44.87 -3.02 3.89
C THR A 188 44.76 -4.13 4.94
N LYS A 189 45.11 -3.80 6.17
CA LYS A 189 44.88 -4.71 7.29
C LYS A 189 43.86 -4.15 8.30
N ASP A 190 43.52 -2.87 8.17
CA ASP A 190 42.66 -2.19 9.16
C ASP A 190 41.55 -1.33 8.56
N PHE A 191 41.53 -1.20 7.23
CA PHE A 191 40.59 -0.33 6.51
C PHE A 191 40.72 1.16 6.86
N LYS A 192 41.89 1.51 7.39
CA LYS A 192 42.24 2.88 7.75
C LYS A 192 43.44 3.40 6.94
N SER A 193 44.36 2.50 6.60
CA SER A 193 45.51 2.80 5.74
C SER A 193 45.54 1.85 4.55
N PHE A 194 45.85 2.38 3.36
CA PHE A 194 45.83 1.60 2.11
C PHE A 194 47.12 1.72 1.30
N LYS A 195 47.51 0.62 0.67
CA LYS A 195 48.70 0.58 -0.18
C LYS A 195 48.34 0.13 -1.59
N LEU A 196 48.73 0.92 -2.59
CA LEU A 196 48.43 0.62 -3.99
C LEU A 196 49.35 -0.49 -4.54
N LEU A 197 48.74 -1.50 -5.15
CA LEU A 197 49.50 -2.58 -5.78
C LEU A 197 49.97 -2.19 -7.19
N GLU A 198 51.15 -2.68 -7.57
CA GLU A 198 51.74 -2.39 -8.89
C GLU A 198 50.94 -3.01 -10.04
N GLU A 199 50.43 -4.22 -9.84
CA GLU A 199 49.64 -4.91 -10.86
C GLU A 199 48.18 -4.47 -10.81
N LEU A 200 47.66 -4.00 -11.94
CA LEU A 200 46.22 -3.71 -12.07
C LEU A 200 45.44 -5.02 -12.05
N LEU A 201 44.20 -4.98 -11.56
CA LEU A 201 43.31 -6.13 -11.62
C LEU A 201 43.05 -6.53 -13.08
N HIS A 202 42.72 -5.54 -13.89
CA HIS A 202 42.54 -5.69 -15.34
C HIS A 202 42.39 -4.30 -15.98
N ALA A 203 42.52 -4.26 -17.30
CA ALA A 203 42.32 -3.04 -18.09
C ALA A 203 41.77 -3.40 -19.48
N VAL A 204 40.93 -2.53 -20.02
CA VAL A 204 40.37 -2.71 -21.37
C VAL A 204 40.44 -1.41 -22.18
N PRO A 205 41.10 -1.42 -23.36
CA PRO A 205 41.21 -0.19 -24.16
C PRO A 205 39.86 0.31 -24.71
N ASP A 206 39.79 1.63 -24.90
CA ASP A 206 38.67 2.31 -25.57
C ASP A 206 37.30 2.19 -24.85
N THR A 207 37.32 2.09 -23.53
CA THR A 207 36.06 2.02 -22.76
C THR A 207 35.77 3.33 -22.01
N GLY A 208 36.82 4.09 -21.71
CA GLY A 208 36.71 5.25 -20.83
C GLY A 208 36.62 4.81 -19.37
N LEU A 209 36.30 5.77 -18.50
CA LEU A 209 36.23 5.55 -17.05
C LEU A 209 35.37 4.35 -16.61
N TRP A 210 35.94 3.53 -15.72
CA TRP A 210 35.20 2.49 -15.02
C TRP A 210 34.78 3.02 -13.65
N GLU A 211 33.47 3.10 -13.42
CA GLU A 211 32.91 3.42 -12.11
C GLU A 211 32.39 2.16 -11.43
N CYS A 212 32.22 2.22 -10.11
CA CYS A 212 31.48 1.20 -9.37
C CYS A 212 31.91 -0.25 -9.71
N VAL A 213 33.22 -0.49 -9.66
CA VAL A 213 33.78 -1.82 -10.00
C VAL A 213 33.39 -2.89 -8.97
N ASP A 214 32.94 -4.05 -9.47
CA ASP A 214 32.54 -5.18 -8.61
C ASP A 214 33.31 -6.44 -9.05
N LEU A 215 33.91 -7.15 -8.08
CA LEU A 215 34.59 -8.43 -8.34
C LEU A 215 34.06 -9.48 -7.37
N TYR A 216 33.47 -10.55 -7.91
CA TYR A 216 32.87 -11.58 -7.06
C TYR A 216 32.91 -12.99 -7.65
N PRO A 217 33.01 -14.01 -6.78
CA PRO A 217 33.02 -15.41 -7.20
C PRO A 217 31.62 -15.95 -7.52
N VAL A 218 31.55 -16.85 -8.51
CA VAL A 218 30.32 -17.58 -8.84
C VAL A 218 30.64 -19.07 -8.96
N SER A 219 29.68 -19.92 -8.61
CA SER A 219 29.91 -21.37 -8.63
C SER A 219 29.66 -21.96 -10.01
N THR A 220 30.48 -22.93 -10.40
CA THR A 220 30.29 -23.65 -11.66
C THR A 220 29.45 -24.92 -11.48
N THR A 221 29.09 -25.24 -10.24
CA THR A 221 28.42 -26.51 -9.96
C THR A 221 27.08 -26.39 -9.21
N GLY A 222 26.99 -25.48 -8.26
CA GLY A 222 25.79 -25.40 -7.43
C GLY A 222 24.80 -24.36 -7.91
N GLU A 223 23.67 -24.24 -7.22
CA GLU A 223 22.71 -23.17 -7.50
C GLU A 223 22.62 -22.14 -6.37
N LYS A 224 23.68 -22.04 -5.59
CA LYS A 224 23.80 -21.03 -4.52
C LYS A 224 24.80 -19.95 -4.90
N GLY A 225 24.60 -18.75 -4.37
CA GLY A 225 25.62 -17.71 -4.42
C GLY A 225 26.80 -18.05 -3.51
N LEU A 226 27.92 -17.35 -3.69
CA LEU A 226 29.12 -17.58 -2.89
C LEU A 226 29.56 -16.34 -2.13
N GLU A 227 30.06 -16.55 -0.92
CA GLU A 227 30.64 -15.48 -0.11
C GLU A 227 31.82 -14.85 -0.86
N THR A 228 31.99 -13.54 -0.70
CA THR A 228 32.91 -12.75 -1.53
C THR A 228 34.39 -13.18 -1.54
N SER A 229 34.85 -13.80 -0.46
CA SER A 229 36.24 -14.25 -0.35
C SER A 229 36.52 -15.69 -0.83
N VAL A 230 35.47 -16.38 -1.28
CA VAL A 230 35.59 -17.77 -1.74
C VAL A 230 36.42 -17.86 -3.03
N ASN A 231 37.41 -18.75 -3.03
CA ASN A 231 38.18 -19.07 -4.24
C ASN A 231 38.52 -20.57 -4.29
N GLY A 232 38.89 -21.05 -5.47
CA GLY A 232 39.23 -22.47 -5.65
C GLY A 232 38.98 -22.98 -7.06
N PRO A 233 38.99 -24.32 -7.22
CA PRO A 233 38.92 -24.99 -8.54
C PRO A 233 37.57 -24.87 -9.27
N LYS A 234 36.46 -25.02 -8.56
CA LYS A 234 35.14 -24.92 -9.17
C LYS A 234 34.56 -23.50 -9.07
N VAL A 235 35.44 -22.50 -9.04
CA VAL A 235 35.04 -21.10 -8.86
C VAL A 235 35.51 -20.24 -10.04
N LYS A 236 34.58 -19.48 -10.61
CA LYS A 236 34.93 -18.44 -11.57
C LYS A 236 34.64 -17.08 -10.93
N HIS A 237 35.13 -16.00 -11.55
CA HIS A 237 34.86 -14.65 -11.04
C HIS A 237 34.25 -13.76 -12.09
N VAL A 238 33.20 -13.03 -11.70
CA VAL A 238 32.65 -11.97 -12.53
C VAL A 238 33.41 -10.67 -12.23
N LEU A 239 33.82 -9.96 -13.28
CA LEU A 239 34.28 -8.58 -13.14
C LEU A 239 33.26 -7.66 -13.81
N LYS A 240 32.79 -6.67 -13.06
CA LYS A 240 31.77 -5.72 -13.52
C LYS A 240 32.26 -4.28 -13.40
N ALA A 241 31.86 -3.43 -14.36
CA ALA A 241 32.12 -2.00 -14.27
C ALA A 241 30.94 -1.19 -14.81
N SER A 242 30.65 -0.07 -14.16
CA SER A 242 29.74 0.93 -14.69
C SER A 242 30.50 1.82 -15.67
N ILE A 243 30.09 1.82 -16.93
CA ILE A 243 30.78 2.54 -17.98
C ILE A 243 30.22 3.95 -18.06
N ASP A 244 30.93 4.89 -17.44
CA ASP A 244 30.48 6.28 -17.26
C ASP A 244 30.04 6.96 -18.55
N GLU A 245 30.82 6.79 -19.62
CA GLU A 245 30.52 7.47 -20.88
C GLU A 245 29.21 6.99 -21.51
N GLN A 246 28.79 5.77 -21.19
CA GLN A 246 27.55 5.17 -21.71
C GLN A 246 26.38 5.20 -20.71
N GLN A 247 26.69 5.42 -19.44
CA GLN A 247 25.73 5.25 -18.35
C GLN A 247 25.05 3.88 -18.40
N ARG A 248 25.87 2.85 -18.63
CA ARG A 248 25.44 1.45 -18.73
C ARG A 248 26.41 0.53 -17.98
N ASP A 249 25.89 -0.60 -17.49
CA ASP A 249 26.69 -1.56 -16.72
C ASP A 249 27.06 -2.79 -17.56
N TYR A 250 28.36 -3.11 -17.59
CA TYR A 250 28.85 -4.28 -18.32
C TYR A 250 29.54 -5.26 -17.38
N TYR A 251 29.48 -6.55 -17.71
CA TYR A 251 30.19 -7.58 -16.94
C TYR A 251 30.88 -8.57 -17.88
N ALA A 252 31.82 -9.35 -17.34
CA ALA A 252 32.43 -10.45 -18.06
C ALA A 252 32.76 -11.59 -17.09
N ILE A 253 32.79 -12.81 -17.61
CA ILE A 253 33.10 -14.01 -16.82
C ILE A 253 34.56 -14.40 -17.03
N GLY A 254 35.27 -14.65 -15.93
CA GLY A 254 36.68 -15.02 -16.03
C GLY A 254 37.21 -15.74 -14.80
N THR A 255 38.51 -15.61 -14.59
CA THR A 255 39.20 -16.22 -13.45
C THR A 255 40.11 -15.21 -12.75
N TYR A 256 40.07 -15.20 -11.42
CA TYR A 256 40.92 -14.34 -10.62
C TYR A 256 41.94 -15.16 -9.83
N ASP A 257 43.20 -14.77 -9.92
CA ASP A 257 44.29 -15.47 -9.24
C ASP A 257 44.81 -14.59 -8.12
N LEU A 258 44.70 -15.09 -6.88
CA LEU A 258 45.18 -14.36 -5.70
C LEU A 258 46.69 -14.13 -5.71
N GLY A 259 47.44 -15.11 -6.23
CA GLY A 259 48.90 -15.02 -6.30
C GLY A 259 49.38 -13.85 -7.14
N THR A 260 48.78 -13.69 -8.31
CA THR A 260 49.20 -12.67 -9.27
C THR A 260 48.39 -11.37 -9.19
N ASN A 261 47.23 -11.45 -8.54
CA ASN A 261 46.23 -10.35 -8.49
C ASN A 261 45.62 -10.00 -9.85
N LYS A 262 45.70 -10.91 -10.82
CA LYS A 262 45.14 -10.65 -12.15
C LYS A 262 43.80 -11.35 -12.35
N TRP A 263 42.84 -10.60 -12.91
CA TRP A 263 41.61 -11.18 -13.46
C TRP A 263 41.78 -11.31 -14.98
N THR A 264 41.50 -12.50 -15.51
CA THR A 264 41.61 -12.80 -16.94
C THR A 264 40.25 -13.22 -17.52
N PRO A 265 39.81 -12.61 -18.64
CA PRO A 265 38.53 -12.98 -19.25
C PRO A 265 38.53 -14.35 -19.93
N ASP A 266 37.43 -15.08 -19.82
CA ASP A 266 37.25 -16.34 -20.56
C ASP A 266 37.18 -16.07 -22.06
N ASN A 267 36.57 -14.95 -22.42
CA ASN A 267 36.44 -14.52 -23.81
C ASN A 267 36.89 -13.06 -23.97
N PRO A 268 38.11 -12.83 -24.50
CA PRO A 268 38.63 -11.46 -24.67
C PRO A 268 37.77 -10.57 -25.58
N GLU A 269 37.02 -11.17 -26.50
CA GLU A 269 36.11 -10.44 -27.39
C GLU A 269 34.88 -9.91 -26.65
N GLU A 270 34.60 -10.46 -25.48
CA GLU A 270 33.49 -10.00 -24.64
C GLU A 270 33.99 -9.47 -23.29
N ASP A 271 35.15 -8.82 -23.32
CA ASP A 271 35.77 -8.26 -22.11
C ASP A 271 34.92 -7.14 -21.49
N VAL A 272 35.28 -6.72 -20.29
CA VAL A 272 34.55 -5.69 -19.55
C VAL A 272 34.41 -4.40 -20.37
N GLY A 273 33.15 -4.02 -20.65
CA GLY A 273 32.86 -2.80 -21.39
C GLY A 273 32.61 -2.98 -22.88
N ILE A 274 32.92 -4.16 -23.40
CA ILE A 274 32.77 -4.46 -24.83
C ILE A 274 32.01 -5.78 -25.07
N GLY A 275 31.36 -6.29 -24.03
CA GLY A 275 30.63 -7.55 -24.12
C GLY A 275 29.22 -7.46 -23.55
N LEU A 276 28.90 -8.36 -22.62
CA LEU A 276 27.55 -8.50 -22.10
C LEU A 276 27.19 -7.45 -21.04
N ARG A 277 25.90 -7.14 -20.95
CA ARG A 277 25.34 -6.28 -19.91
C ARG A 277 24.38 -7.10 -19.03
N TYR A 278 24.27 -6.70 -17.76
CA TYR A 278 23.24 -7.21 -16.87
C TYR A 278 21.84 -6.96 -17.44
N ASP A 279 21.65 -5.79 -18.04
CA ASP A 279 20.35 -5.31 -18.49
C ASP A 279 20.55 -4.38 -19.70
N TRP A 280 19.78 -4.60 -20.75
CA TRP A 280 19.92 -3.85 -22.00
C TRP A 280 19.09 -2.55 -22.02
N GLY A 281 18.42 -2.27 -20.92
CA GLY A 281 17.62 -1.03 -20.79
C GLY A 281 18.28 0.03 -19.93
N LYS A 282 17.48 0.70 -19.10
CA LYS A 282 17.97 1.76 -18.21
C LYS A 282 18.23 1.15 -16.83
N TYR A 283 19.51 1.06 -16.47
CA TYR A 283 19.94 0.22 -15.35
C TYR A 283 21.38 0.60 -15.05
N TYR A 284 21.66 1.13 -13.86
CA TYR A 284 22.99 1.70 -13.60
C TYR A 284 23.49 1.58 -12.16
N ALA A 285 24.81 1.72 -12.01
CA ALA A 285 25.53 1.70 -10.73
C ALA A 285 25.20 0.48 -9.86
N SER A 286 25.15 -0.68 -10.49
CA SER A 286 24.76 -1.91 -9.79
C SER A 286 25.82 -2.40 -8.79
N LYS A 287 25.35 -2.90 -7.66
CA LYS A 287 26.20 -3.43 -6.60
C LYS A 287 25.59 -4.74 -6.11
N THR A 288 26.44 -5.75 -5.89
CA THR A 288 25.97 -7.02 -5.32
C THR A 288 26.36 -7.16 -3.85
N PHE A 289 25.70 -8.08 -3.16
CA PHE A 289 26.10 -8.50 -1.82
C PHE A 289 25.74 -9.97 -1.63
N TYR A 290 26.40 -10.61 -0.67
CA TYR A 290 26.07 -12.00 -0.33
C TYR A 290 25.03 -12.06 0.77
N ASP A 291 23.96 -12.83 0.53
CA ASP A 291 22.88 -13.06 1.49
C ASP A 291 23.11 -14.43 2.19
N PRO A 292 23.51 -14.41 3.47
CA PRO A 292 23.75 -15.69 4.15
C PRO A 292 22.47 -16.44 4.55
N LYS A 293 21.33 -15.75 4.56
CA LYS A 293 20.06 -16.36 4.97
C LYS A 293 19.60 -17.45 4.01
N LYS A 294 19.59 -17.14 2.70
CA LYS A 294 19.21 -18.11 1.69
C LYS A 294 20.36 -18.49 0.76
N GLN A 295 21.57 -18.05 1.12
CA GLN A 295 22.80 -18.35 0.37
C GLN A 295 22.69 -17.95 -1.11
N ARG A 296 22.43 -16.65 -1.31
CA ARG A 296 22.26 -16.06 -2.63
C ARG A 296 23.21 -14.87 -2.80
N ARG A 297 23.54 -14.55 -4.05
CA ARG A 297 24.12 -13.25 -4.36
C ARG A 297 23.05 -12.38 -5.01
N VAL A 298 22.83 -11.19 -4.46
CA VAL A 298 21.75 -10.31 -4.88
C VAL A 298 22.32 -9.02 -5.46
N VAL A 299 21.73 -8.57 -6.57
CA VAL A 299 22.15 -7.33 -7.25
C VAL A 299 21.10 -6.21 -7.18
N TRP A 300 21.56 -5.03 -6.75
CA TRP A 300 20.79 -3.79 -6.70
C TRP A 300 21.20 -2.90 -7.88
N ALA A 301 20.23 -2.18 -8.46
CA ALA A 301 20.52 -1.16 -9.48
C ALA A 301 19.38 -0.17 -9.62
N TRP A 302 19.71 1.07 -9.96
CA TRP A 302 18.70 2.12 -10.12
C TRP A 302 18.34 2.42 -11.56
N THR A 303 17.09 2.87 -11.76
CA THR A 303 16.54 3.21 -13.06
C THR A 303 16.05 4.66 -13.07
N LYS A 304 16.78 5.51 -13.81
CA LYS A 304 16.48 6.92 -13.89
C LYS A 304 15.14 7.18 -14.57
N GLU A 305 14.50 8.30 -14.23
CA GLU A 305 13.38 8.83 -15.00
C GLU A 305 13.78 8.98 -16.46
N LEU A 306 12.83 8.72 -17.36
CA LEU A 306 13.03 8.95 -18.80
C LEU A 306 12.08 10.02 -19.33
N ASP A 307 11.58 10.87 -18.43
CA ASP A 307 10.74 12.02 -18.80
C ASP A 307 11.54 13.32 -18.61
N SER A 308 10.86 14.46 -18.70
CA SER A 308 11.54 15.77 -18.60
C SER A 308 11.83 16.15 -17.14
N GLU A 309 12.87 16.97 -16.95
CA GLU A 309 13.19 17.50 -15.62
C GLU A 309 12.04 18.39 -15.10
N VAL A 310 11.39 19.10 -16.03
CA VAL A 310 10.21 19.92 -15.72
C VAL A 310 9.11 19.08 -15.05
N ALA A 311 8.85 17.91 -15.62
CA ALA A 311 7.85 16.98 -15.07
C ALA A 311 8.28 16.43 -13.71
N ASP A 312 9.57 16.12 -13.57
CA ASP A 312 10.12 15.64 -12.29
C ASP A 312 9.94 16.67 -11.16
N ARG A 313 10.19 17.94 -11.48
CA ARG A 313 10.04 19.02 -10.49
C ARG A 313 8.56 19.24 -10.12
N GLU A 314 7.68 19.06 -11.10
CA GLU A 314 6.24 19.17 -10.88
C GLU A 314 5.69 18.08 -9.97
N LYS A 315 6.10 16.83 -10.21
CA LYS A 315 5.63 15.70 -9.40
C LYS A 315 6.36 15.59 -8.05
N GLY A 316 7.56 16.16 -7.98
CA GLY A 316 8.29 16.28 -6.72
C GLY A 316 9.22 15.13 -6.35
N TRP A 317 9.44 14.20 -7.27
CA TRP A 317 10.34 13.06 -7.03
C TRP A 317 10.99 12.59 -8.32
N ALA A 318 12.07 11.82 -8.21
CA ALA A 318 12.76 11.23 -9.37
C ALA A 318 13.49 9.93 -9.04
N ASN A 319 13.24 8.92 -9.88
CA ASN A 319 14.00 7.64 -9.96
C ASN A 319 13.54 6.56 -8.99
N VAL A 320 13.71 5.30 -9.40
CA VAL A 320 13.36 4.13 -8.57
C VAL A 320 14.46 3.06 -8.63
N GLN A 321 14.43 2.12 -7.70
CA GLN A 321 15.28 0.93 -7.80
C GLN A 321 14.49 -0.18 -8.50
N THR A 322 15.19 -1.05 -9.24
CA THR A 322 14.53 -2.27 -9.73
C THR A 322 14.27 -3.18 -8.52
N ILE A 323 13.41 -4.18 -8.70
CA ILE A 323 13.32 -5.26 -7.72
C ILE A 323 14.68 -5.95 -7.69
N PRO A 324 15.23 -6.22 -6.49
CA PRO A 324 16.54 -6.88 -6.45
C PRO A 324 16.51 -8.23 -7.17
N ARG A 325 17.64 -8.62 -7.77
CA ARG A 325 17.72 -9.85 -8.55
C ARG A 325 18.80 -10.77 -8.01
N THR A 326 18.59 -12.08 -8.12
CA THR A 326 19.69 -13.03 -7.84
C THR A 326 20.61 -13.07 -9.04
N VAL A 327 21.89 -13.40 -8.79
CA VAL A 327 22.88 -13.64 -9.84
C VAL A 327 23.43 -15.07 -9.72
N LEU A 328 23.37 -15.83 -10.80
CA LEU A 328 24.00 -17.15 -10.88
C LEU A 328 24.67 -17.31 -12.24
N LEU A 329 25.69 -18.16 -12.32
CA LEU A 329 26.25 -18.52 -13.62
C LEU A 329 25.21 -19.37 -14.36
N ASP A 330 25.05 -19.13 -15.67
CA ASP A 330 24.18 -19.95 -16.49
C ASP A 330 24.94 -21.23 -16.84
N GLN A 331 24.59 -22.32 -16.17
CA GLN A 331 25.30 -23.58 -16.37
C GLN A 331 24.93 -24.29 -17.66
N LYS A 332 23.83 -23.88 -18.29
CA LYS A 332 23.42 -24.46 -19.57
C LYS A 332 24.31 -23.99 -20.72
N THR A 333 24.81 -22.76 -20.62
CA THR A 333 25.69 -22.18 -21.64
C THR A 333 27.13 -22.05 -21.18
N GLY A 334 27.31 -21.70 -19.91
CA GLY A 334 28.63 -21.44 -19.33
C GLY A 334 29.20 -20.06 -19.65
N THR A 335 28.48 -19.27 -20.44
CA THR A 335 29.03 -18.06 -21.04
C THR A 335 28.23 -16.76 -20.78
N ASN A 336 27.25 -16.83 -19.88
CA ASN A 336 26.52 -15.65 -19.40
C ASN A 336 26.03 -15.91 -17.98
N VAL A 337 25.60 -14.86 -17.29
CA VAL A 337 24.91 -15.04 -15.99
C VAL A 337 23.39 -15.08 -16.17
N LEU A 338 22.69 -15.55 -15.15
CA LEU A 338 21.23 -15.48 -15.08
C LEU A 338 20.84 -14.50 -13.99
N LEU A 339 20.01 -13.52 -14.32
CA LEU A 339 19.44 -12.59 -13.34
C LEU A 339 17.93 -12.82 -13.24
N TRP A 340 17.41 -12.88 -12.01
CA TRP A 340 15.99 -13.22 -11.79
C TRP A 340 15.50 -12.50 -10.54
N PRO A 341 14.29 -11.92 -10.58
CA PRO A 341 13.79 -11.23 -9.38
C PRO A 341 13.82 -12.13 -8.15
N VAL A 342 14.20 -11.57 -6.99
CA VAL A 342 14.22 -12.34 -5.75
C VAL A 342 12.85 -13.00 -5.50
N GLU A 343 12.87 -14.21 -4.99
CA GLU A 343 11.64 -15.03 -4.87
C GLU A 343 10.55 -14.38 -4.00
N GLU A 344 10.96 -13.51 -3.09
CA GLU A 344 10.03 -12.82 -2.20
C GLU A 344 9.05 -11.89 -2.94
N VAL A 345 9.37 -11.52 -4.18
CA VAL A 345 8.46 -10.70 -4.98
C VAL A 345 7.13 -11.44 -5.22
N GLU A 346 7.20 -12.77 -5.16
CA GLU A 346 6.03 -13.61 -5.36
C GLU A 346 5.02 -13.49 -4.20
N SER A 347 5.47 -12.99 -3.05
CA SER A 347 4.59 -12.71 -1.91
C SER A 347 3.55 -11.61 -2.19
N LEU A 348 3.77 -10.84 -3.25
CA LEU A 348 2.85 -9.78 -3.66
C LEU A 348 1.72 -10.28 -4.57
N ARG A 349 1.86 -11.51 -5.08
CA ARG A 349 0.87 -12.08 -6.01
C ARG A 349 -0.48 -12.26 -5.33
N LEU A 350 -1.52 -11.66 -5.91
CA LEU A 350 -2.87 -11.72 -5.33
C LEU A 350 -3.70 -12.88 -5.87
N SER A 351 -3.91 -12.89 -7.18
CA SER A 351 -4.66 -13.93 -7.86
C SER A 351 -4.13 -14.09 -9.28
N SER A 352 -4.42 -15.22 -9.90
CA SER A 352 -3.94 -15.50 -11.25
C SER A 352 -5.05 -15.75 -12.26
N LYS A 353 -4.77 -15.45 -13.52
CA LYS A 353 -5.61 -15.89 -14.63
C LYS A 353 -4.71 -16.53 -15.68
N GLU A 354 -5.18 -17.66 -16.22
CA GLU A 354 -4.43 -18.42 -17.21
C GLU A 354 -5.06 -18.34 -18.60
N PHE A 355 -4.19 -18.24 -19.61
CA PHE A 355 -4.61 -18.28 -21.01
C PHE A 355 -3.82 -19.40 -21.67
N SER A 356 -4.53 -20.45 -22.09
CA SER A 356 -3.88 -21.66 -22.60
C SER A 356 -3.97 -21.80 -24.12
N LYS A 357 -2.81 -21.97 -24.76
CA LYS A 357 -2.70 -22.23 -26.19
C LYS A 357 -3.50 -21.24 -27.05
N VAL A 358 -3.29 -19.96 -26.79
CA VAL A 358 -3.90 -18.87 -27.55
C VAL A 358 -3.23 -18.78 -28.91
N LYS A 359 -4.03 -18.74 -29.97
CA LYS A 359 -3.52 -18.65 -31.33
C LYS A 359 -3.42 -17.20 -31.78
N ALA A 360 -2.29 -16.85 -32.37
CA ALA A 360 -2.12 -15.54 -33.01
C ALA A 360 -1.50 -15.70 -34.39
N GLY A 361 -2.33 -15.52 -35.42
CA GLY A 361 -1.89 -15.61 -36.81
C GLY A 361 -1.05 -14.41 -37.23
N ALA A 362 -0.52 -14.46 -38.44
CA ALA A 362 0.30 -13.36 -38.97
C ALA A 362 -0.50 -12.06 -39.01
N GLY A 363 0.06 -11.02 -38.41
CA GLY A 363 -0.54 -9.69 -38.40
C GLY A 363 -1.74 -9.52 -37.47
N SER A 364 -1.79 -10.31 -36.39
CA SER A 364 -2.94 -10.30 -35.48
C SER A 364 -2.65 -9.61 -34.15
N VAL A 365 -3.72 -9.17 -33.50
CA VAL A 365 -3.69 -8.64 -32.13
C VAL A 365 -4.84 -9.29 -31.34
N VAL A 366 -4.53 -9.81 -30.16
CA VAL A 366 -5.50 -10.55 -29.35
C VAL A 366 -5.58 -9.96 -27.94
N PRO A 367 -6.75 -9.42 -27.56
CA PRO A 367 -6.91 -8.85 -26.23
C PRO A 367 -6.85 -9.91 -25.12
N LEU A 368 -6.23 -9.55 -24.00
CA LEU A 368 -6.15 -10.43 -22.84
C LEU A 368 -6.86 -9.77 -21.64
N ASP A 369 -8.09 -10.21 -21.39
CA ASP A 369 -8.93 -9.61 -20.35
C ASP A 369 -8.46 -10.04 -18.96
N VAL A 370 -7.73 -9.15 -18.29
CA VAL A 370 -7.20 -9.40 -16.94
C VAL A 370 -7.73 -8.42 -15.91
N GLY A 371 -8.63 -7.53 -16.32
CA GLY A 371 -9.08 -6.43 -15.46
C GLY A 371 -8.07 -5.31 -15.50
N THR A 372 -7.69 -4.80 -14.34
CA THR A 372 -6.70 -3.72 -14.25
C THR A 372 -5.32 -4.27 -14.67
N ALA A 373 -4.57 -3.47 -15.41
CA ALA A 373 -3.30 -3.95 -15.99
C ALA A 373 -2.11 -3.03 -15.71
N THR A 374 -2.01 -2.58 -14.45
CA THR A 374 -0.95 -1.64 -14.06
C THR A 374 -0.02 -2.16 -12.96
N GLN A 375 -0.43 -3.25 -12.30
CA GLN A 375 0.37 -3.90 -11.27
C GLN A 375 0.31 -5.41 -11.54
N LEU A 376 1.26 -5.91 -12.34
CA LEU A 376 1.21 -7.31 -12.82
C LEU A 376 2.53 -8.07 -12.77
N ASP A 377 2.44 -9.38 -12.62
CA ASP A 377 3.53 -10.33 -12.89
C ASP A 377 3.04 -11.23 -14.02
N ILE A 378 3.75 -11.25 -15.14
CA ILE A 378 3.32 -12.02 -16.31
C ILE A 378 4.38 -13.04 -16.71
N ILE A 379 3.98 -14.31 -16.84
CA ILE A 379 4.87 -15.33 -17.39
C ILE A 379 4.23 -15.91 -18.65
N ALA A 380 4.97 -15.85 -19.76
CA ALA A 380 4.45 -16.28 -21.05
C ALA A 380 5.45 -17.16 -21.81
N GLU A 381 4.92 -18.13 -22.56
CA GLU A 381 5.74 -18.95 -23.45
C GLU A 381 5.14 -18.92 -24.85
N PHE A 382 6.01 -18.93 -25.86
CA PHE A 382 5.62 -18.82 -27.28
C PHE A 382 6.28 -19.93 -28.10
N GLU A 383 5.55 -20.42 -29.10
CA GLU A 383 6.07 -21.37 -30.07
C GLU A 383 5.65 -20.95 -31.47
N ILE A 384 6.57 -21.09 -32.43
CA ILE A 384 6.24 -20.91 -33.85
C ILE A 384 5.64 -22.20 -34.39
N ASP A 385 4.40 -22.11 -34.90
CA ASP A 385 3.68 -23.27 -35.43
C ASP A 385 4.41 -23.93 -36.61
N LYS A 386 4.27 -25.25 -36.69
CA LYS A 386 4.85 -26.04 -37.79
C LYS A 386 4.25 -25.60 -39.12
N GLY A 398 22.67 -6.62 -40.63
CA GLY A 398 21.50 -7.41 -40.25
C GLY A 398 20.65 -6.73 -39.19
N TYR A 399 19.68 -7.47 -38.67
CA TYR A 399 18.76 -6.96 -37.64
C TYR A 399 19.48 -6.51 -36.37
N ASN A 400 18.93 -5.47 -35.75
CA ASN A 400 19.47 -4.87 -34.53
C ASN A 400 18.29 -4.13 -33.87
N CYS A 401 17.94 -4.50 -32.64
CA CYS A 401 16.76 -3.90 -31.96
C CYS A 401 16.81 -2.37 -32.04
N THR A 402 17.98 -1.81 -31.74
CA THR A 402 18.18 -0.37 -31.60
C THR A 402 17.89 0.42 -32.88
N THR A 403 18.28 -0.14 -34.02
CA THR A 403 18.09 0.53 -35.32
C THR A 403 16.83 0.08 -36.06
N SER A 404 16.08 -0.83 -35.42
CA SER A 404 14.85 -1.37 -36.03
C SER A 404 13.69 -0.40 -35.89
N GLY A 405 12.61 -0.69 -36.62
CA GLY A 405 11.36 0.06 -36.46
C GLY A 405 10.46 -0.49 -35.36
N GLY A 406 11.04 -1.31 -34.48
CA GLY A 406 10.28 -1.90 -33.37
C GLY A 406 9.18 -2.83 -33.84
N ALA A 407 8.04 -2.80 -33.16
CA ALA A 407 6.90 -3.66 -33.50
C ALA A 407 6.37 -3.43 -34.92
N ALA A 408 6.68 -2.27 -35.48
CA ALA A 408 6.24 -1.91 -36.83
C ALA A 408 7.08 -2.52 -37.96
N GLU A 409 8.30 -2.95 -37.65
CA GLU A 409 9.16 -3.57 -38.66
C GLU A 409 8.87 -5.06 -38.78
N ARG A 410 8.08 -5.43 -39.79
CA ARG A 410 7.62 -6.79 -39.97
C ARG A 410 8.63 -7.64 -40.73
N GLY A 411 8.93 -8.83 -40.20
CA GLY A 411 9.80 -9.80 -40.86
C GLY A 411 9.08 -11.14 -41.00
N VAL A 412 9.77 -12.11 -41.62
CA VAL A 412 9.18 -13.43 -41.85
C VAL A 412 8.88 -14.15 -40.52
N LEU A 413 9.81 -14.05 -39.57
CA LEU A 413 9.71 -14.76 -38.30
C LEU A 413 9.71 -13.83 -37.07
N GLY A 414 9.09 -12.66 -37.23
CA GLY A 414 8.99 -11.68 -36.13
C GLY A 414 8.44 -10.36 -36.65
N PRO A 415 8.06 -9.44 -35.74
CA PRO A 415 8.10 -9.55 -34.27
C PRO A 415 6.81 -10.14 -33.67
N PHE A 416 6.94 -10.83 -32.54
CA PHE A 416 5.77 -11.31 -31.79
C PHE A 416 6.01 -11.25 -30.29
N GLY A 417 4.95 -11.06 -29.51
CA GLY A 417 5.09 -10.89 -28.06
C GLY A 417 3.86 -10.27 -27.41
N LEU A 418 4.10 -9.35 -26.48
CA LEU A 418 3.03 -8.71 -25.73
C LEU A 418 3.01 -7.21 -25.92
N LEU A 419 1.84 -6.60 -25.77
CA LEU A 419 1.70 -5.16 -25.67
C LEU A 419 1.22 -4.83 -24.26
N VAL A 420 2.06 -4.10 -23.51
CA VAL A 420 1.68 -3.61 -22.18
C VAL A 420 1.46 -2.10 -22.22
N SER A 421 0.89 -1.55 -21.14
CA SER A 421 0.56 -0.11 -21.07
C SER A 421 -0.13 0.37 -22.33
N ALA A 422 -1.13 -0.38 -22.80
CA ALA A 422 -1.81 -0.10 -24.05
C ALA A 422 -3.24 0.41 -23.83
N THR A 423 -3.69 1.30 -24.70
CA THR A 423 -5.10 1.69 -24.75
C THR A 423 -5.89 0.69 -25.59
N GLU A 424 -7.21 0.74 -25.47
CA GLU A 424 -8.12 -0.14 -26.22
C GLU A 424 -7.90 -0.11 -27.73
N ASN A 425 -7.62 1.07 -28.27
CA ASN A 425 -7.45 1.24 -29.72
C ASN A 425 -5.98 1.37 -30.13
N LEU A 426 -5.08 1.09 -29.19
CA LEU A 426 -3.63 1.09 -29.40
C LEU A 426 -3.03 2.46 -29.72
N SER A 427 -3.72 3.53 -29.30
CA SER A 427 -3.23 4.90 -29.46
C SER A 427 -1.90 5.09 -28.70
N GLU A 428 -1.75 4.34 -27.61
CA GLU A 428 -0.48 4.15 -26.92
C GLU A 428 -0.27 2.65 -26.68
N GLN A 429 0.99 2.21 -26.75
CA GLN A 429 1.36 0.81 -26.55
C GLN A 429 2.86 0.67 -26.27
N THR A 430 3.23 -0.33 -25.47
CA THR A 430 4.63 -0.69 -25.24
C THR A 430 4.87 -2.18 -25.54
N PRO A 431 5.35 -2.49 -26.76
CA PRO A 431 5.65 -3.88 -27.12
C PRO A 431 6.90 -4.42 -26.43
N VAL A 432 6.82 -5.67 -25.98
CA VAL A 432 7.99 -6.45 -25.59
C VAL A 432 7.94 -7.70 -26.46
N TYR A 433 9.00 -7.99 -27.21
CA TYR A 433 8.90 -8.99 -28.28
C TYR A 433 10.14 -9.81 -28.60
N PHE A 434 9.91 -10.94 -29.26
CA PHE A 434 10.96 -11.74 -29.88
C PHE A 434 10.95 -11.50 -31.39
N TYR A 435 12.15 -11.52 -31.99
CA TYR A 435 12.30 -11.44 -33.44
C TYR A 435 13.37 -12.46 -33.86
N ILE A 436 12.99 -13.42 -34.69
CA ILE A 436 13.94 -14.43 -35.16
C ILE A 436 14.48 -14.04 -36.54
N ALA A 437 15.80 -13.90 -36.63
CA ALA A 437 16.45 -13.43 -37.86
C ALA A 437 17.37 -14.47 -38.49
N LYS A 438 17.49 -14.39 -39.81
CA LYS A 438 18.35 -15.26 -40.60
C LYS A 438 19.54 -14.45 -41.13
N ASN A 443 21.73 -21.17 -39.49
CA ASN A 443 22.08 -20.19 -38.46
C ASN A 443 21.00 -19.11 -38.27
N PHE A 444 20.24 -19.26 -37.19
CA PHE A 444 19.22 -18.27 -36.82
C PHE A 444 19.59 -17.59 -35.50
N LYS A 445 19.26 -16.31 -35.40
CA LYS A 445 19.46 -15.54 -34.16
C LYS A 445 18.11 -15.12 -33.60
N THR A 446 17.98 -15.17 -32.28
CA THR A 446 16.78 -14.68 -31.61
C THR A 446 17.08 -13.35 -30.92
N PHE A 447 16.28 -12.34 -31.25
CA PHE A 447 16.37 -11.02 -30.61
C PHE A 447 15.24 -10.84 -29.62
N PHE A 448 15.52 -10.16 -28.51
CA PHE A 448 14.53 -9.82 -27.48
C PHE A 448 14.59 -8.31 -27.28
N CYS A 449 13.47 -7.62 -27.53
CA CYS A 449 13.48 -6.15 -27.56
C CYS A 449 12.29 -5.53 -26.81
N LEU A 450 12.47 -4.27 -26.40
CA LEU A 450 11.41 -3.45 -25.82
C LEU A 450 11.31 -2.14 -26.60
N ASP A 451 10.11 -1.84 -27.09
CA ASP A 451 9.86 -0.71 -28.01
C ASP A 451 9.13 0.44 -27.30
N GLU A 452 9.82 1.57 -27.12
CA GLU A 452 9.26 2.75 -26.45
C GLU A 452 8.64 3.77 -27.43
N SER A 453 8.78 3.52 -28.73
CA SER A 453 8.47 4.52 -29.76
C SER A 453 7.05 5.10 -29.75
N ARG A 454 6.09 4.32 -29.26
CA ARG A 454 4.70 4.75 -29.18
C ARG A 454 4.11 4.61 -27.78
N SER A 455 4.98 4.58 -26.76
CA SER A 455 4.58 4.37 -25.37
C SER A 455 3.72 5.49 -24.80
N SER A 456 3.89 6.69 -25.36
CA SER A 456 3.17 7.87 -24.90
C SER A 456 2.96 8.87 -26.03
N LYS A 457 1.83 9.57 -25.99
CA LYS A 457 1.56 10.66 -26.92
C LYS A 457 2.37 11.92 -26.61
N ALA A 458 2.90 12.00 -25.38
CA ALA A 458 3.78 13.10 -24.98
C ALA A 458 5.09 13.04 -25.77
N SER A 459 5.59 14.19 -26.20
CA SER A 459 6.78 14.22 -27.05
C SER A 459 8.10 14.30 -26.27
N ASP A 460 8.05 14.74 -25.01
CA ASP A 460 9.27 14.93 -24.22
C ASP A 460 9.62 13.75 -23.29
N VAL A 461 9.48 12.53 -23.81
CA VAL A 461 9.87 11.31 -23.11
C VAL A 461 10.70 10.43 -24.06
N SER A 462 11.39 9.42 -23.52
CA SER A 462 12.23 8.52 -24.32
C SER A 462 11.42 7.67 -25.32
N LYS A 463 11.91 7.60 -26.56
CA LYS A 463 11.22 6.92 -27.66
C LYS A 463 12.10 5.87 -28.37
N GLN A 464 13.01 5.26 -27.62
CA GLN A 464 14.00 4.33 -28.15
C GLN A 464 13.49 2.88 -28.23
N VAL A 465 14.12 2.06 -29.09
CA VAL A 465 13.95 0.61 -29.02
C VAL A 465 15.21 0.02 -28.38
N LYS A 466 15.02 -0.82 -27.36
CA LYS A 466 16.11 -1.38 -26.56
C LYS A 466 16.16 -2.89 -26.75
N GLY A 467 17.34 -3.50 -26.58
CA GLY A 467 17.44 -4.96 -26.61
C GLY A 467 18.75 -5.54 -27.12
N PHE A 468 18.71 -6.84 -27.41
CA PHE A 468 19.91 -7.59 -27.81
C PHE A 468 19.48 -8.99 -28.25
N THR A 469 20.44 -9.80 -28.69
CA THR A 469 20.19 -11.22 -28.92
C THR A 469 20.05 -11.92 -27.55
N VAL A 470 19.49 -13.13 -27.57
CA VAL A 470 19.42 -13.98 -26.39
C VAL A 470 19.61 -15.44 -26.82
N PRO A 471 20.41 -16.22 -26.07
CA PRO A 471 20.56 -17.62 -26.46
C PRO A 471 19.27 -18.41 -26.24
N VAL A 472 18.86 -19.15 -27.27
CA VAL A 472 17.74 -20.09 -27.17
C VAL A 472 18.25 -21.47 -27.54
N LEU A 473 18.20 -22.38 -26.58
CA LEU A 473 18.81 -23.70 -26.74
C LEU A 473 17.83 -24.72 -27.31
N ASP A 474 18.36 -25.83 -27.79
CA ASP A 474 17.55 -26.87 -28.43
C ASP A 474 16.42 -27.34 -27.52
N GLY A 475 15.21 -27.37 -28.06
CA GLY A 475 14.04 -27.82 -27.29
C GLY A 475 13.33 -26.77 -26.46
N GLU A 476 13.92 -25.58 -26.34
CA GLU A 476 13.36 -24.51 -25.52
C GLU A 476 12.30 -23.71 -26.25
N LYS A 477 11.21 -23.41 -25.56
CA LYS A 477 10.23 -22.44 -26.03
C LYS A 477 10.78 -21.03 -25.81
N PHE A 478 10.27 -20.06 -26.54
CA PHE A 478 10.57 -18.65 -26.27
C PHE A 478 9.78 -18.22 -25.04
N THR A 479 10.48 -17.75 -24.00
CA THR A 479 9.81 -17.44 -22.73
C THR A 479 10.16 -16.03 -22.24
N MET A 480 9.16 -15.31 -21.77
CA MET A 480 9.39 -14.00 -21.16
C MET A 480 8.62 -13.86 -19.85
N ARG A 481 9.21 -13.13 -18.92
CA ARG A 481 8.52 -12.69 -17.71
C ARG A 481 8.54 -11.16 -17.67
N LEU A 482 7.39 -10.56 -17.37
CA LEU A 482 7.29 -9.11 -17.21
C LEU A 482 6.79 -8.75 -15.82
N LEU A 483 7.46 -7.79 -15.19
CA LEU A 483 6.93 -7.13 -14.01
C LEU A 483 6.46 -5.75 -14.45
N VAL A 484 5.17 -5.49 -14.29
CA VAL A 484 4.58 -4.20 -14.63
C VAL A 484 4.16 -3.47 -13.36
N ASP A 485 4.67 -2.25 -13.18
CA ASP A 485 4.37 -1.47 -11.97
C ASP A 485 4.30 0.02 -12.29
N HIS A 486 3.15 0.47 -12.75
CA HIS A 486 2.94 1.87 -13.11
C HIS A 486 4.01 2.35 -14.11
N SER A 487 4.86 3.30 -13.72
CA SER A 487 5.85 3.87 -14.66
C SER A 487 7.14 3.06 -14.89
N ILE A 488 7.24 1.86 -14.31
CA ILE A 488 8.38 0.97 -14.57
C ILE A 488 7.97 -0.42 -15.08
N VAL A 489 8.66 -0.87 -16.12
CA VAL A 489 8.49 -2.23 -16.66
C VAL A 489 9.84 -2.96 -16.66
N GLU A 490 9.86 -4.16 -16.10
CA GLU A 490 11.07 -5.01 -16.12
C GLU A 490 10.77 -6.29 -16.90
N SER A 491 11.67 -6.67 -17.81
CA SER A 491 11.45 -7.83 -18.68
C SER A 491 12.63 -8.81 -18.67
N PHE A 492 12.32 -10.10 -18.82
CA PHE A 492 13.32 -11.19 -18.69
C PHE A 492 13.06 -12.26 -19.75
N ALA A 493 14.10 -12.60 -20.52
CA ALA A 493 13.98 -13.64 -21.53
C ALA A 493 14.77 -14.90 -21.16
N GLN A 494 14.22 -16.05 -21.49
CA GLN A 494 14.87 -17.36 -21.26
C GLN A 494 15.37 -17.54 -19.82
N GLY A 495 14.54 -17.14 -18.86
CA GLY A 495 14.86 -17.29 -17.45
C GLY A 495 15.91 -16.33 -16.94
N GLY A 496 16.10 -15.21 -17.63
CA GLY A 496 17.05 -14.18 -17.20
C GLY A 496 18.37 -14.16 -17.92
N ARG A 497 18.45 -14.78 -19.09
CA ARG A 497 19.66 -14.70 -19.93
C ARG A 497 19.81 -13.31 -20.53
N SER A 498 18.68 -12.64 -20.77
CA SER A 498 18.65 -11.25 -21.20
C SER A 498 17.54 -10.53 -20.43
N CYS A 499 17.86 -9.33 -19.94
CA CYS A 499 16.90 -8.51 -19.21
C CYS A 499 16.81 -7.13 -19.85
N ILE A 500 15.62 -6.53 -19.85
CA ILE A 500 15.45 -5.14 -20.31
C ILE A 500 14.50 -4.36 -19.38
N THR A 501 15.00 -3.28 -18.79
CA THR A 501 14.21 -2.42 -17.91
C THR A 501 13.99 -1.06 -18.56
N SER A 502 12.76 -0.55 -18.47
CA SER A 502 12.45 0.78 -19.01
C SER A 502 11.38 1.52 -18.21
N ARG A 503 11.16 2.78 -18.56
CA ARG A 503 10.17 3.62 -17.90
C ARG A 503 9.17 4.09 -18.95
N VAL A 504 7.90 4.08 -18.58
CA VAL A 504 6.81 4.51 -19.47
C VAL A 504 5.99 5.61 -18.81
N TYR A 505 5.54 6.57 -19.62
CA TYR A 505 4.78 7.72 -19.14
C TYR A 505 3.52 7.97 -19.99
N PRO A 506 2.59 7.00 -19.99
CA PRO A 506 1.41 7.14 -20.85
C PRO A 506 0.49 8.29 -20.42
N THR A 507 -0.13 8.92 -21.41
CA THR A 507 -1.07 10.02 -21.16
C THR A 507 -2.51 9.50 -21.06
N GLU A 508 -2.75 8.33 -21.65
CA GLU A 508 -4.10 7.77 -21.76
C GLU A 508 -4.20 6.36 -21.16
N ALA A 509 -3.15 5.56 -21.33
CA ALA A 509 -3.13 4.18 -20.81
C ALA A 509 -2.78 4.15 -19.33
N ILE A 510 -3.66 4.75 -18.52
CA ILE A 510 -3.44 4.87 -17.08
C ILE A 510 -4.72 4.49 -16.33
N TYR A 511 -4.58 4.12 -15.06
CA TYR A 511 -5.71 3.65 -14.24
C TYR A 511 -6.45 2.49 -14.95
N GLY A 512 -7.78 2.53 -15.00
CA GLY A 512 -8.56 1.46 -15.64
C GLY A 512 -8.45 1.36 -17.15
N ALA A 513 -7.85 2.39 -17.76
CA ALA A 513 -7.76 2.47 -19.23
C ALA A 513 -6.57 1.71 -19.83
N ALA A 514 -5.64 1.27 -18.97
CA ALA A 514 -4.50 0.47 -19.42
C ALA A 514 -4.92 -0.96 -19.70
N LYS A 515 -4.43 -1.52 -20.80
CA LYS A 515 -4.80 -2.87 -21.24
C LYS A 515 -3.58 -3.74 -21.60
N LEU A 516 -3.84 -5.03 -21.83
CA LEU A 516 -2.81 -6.00 -22.21
C LEU A 516 -3.23 -6.78 -23.46
N PHE A 517 -2.29 -6.98 -24.38
CA PHE A 517 -2.55 -7.72 -25.63
C PHE A 517 -1.43 -8.73 -25.93
N LEU A 518 -1.80 -9.80 -26.62
CA LEU A 518 -0.85 -10.66 -27.33
C LEU A 518 -0.81 -10.17 -28.78
N PHE A 519 0.38 -10.11 -29.39
CA PHE A 519 0.46 -9.72 -30.81
C PHE A 519 1.45 -10.54 -31.62
N ASN A 520 1.17 -10.69 -32.92
CA ASN A 520 2.09 -11.31 -33.86
C ASN A 520 2.14 -10.49 -35.15
N ASN A 521 3.23 -9.76 -35.35
CA ASN A 521 3.38 -8.95 -36.56
C ASN A 521 4.33 -9.55 -37.59
N ALA A 522 4.61 -10.85 -37.46
CA ALA A 522 5.35 -11.60 -38.48
C ALA A 522 4.50 -11.74 -39.75
N THR A 523 5.16 -11.97 -40.88
CA THR A 523 4.44 -12.18 -42.15
C THR A 523 4.33 -13.66 -42.50
N GLY A 524 5.26 -14.47 -42.03
CA GLY A 524 5.34 -15.87 -42.45
C GLY A 524 5.33 -16.90 -41.35
N ALA A 525 4.75 -16.54 -40.21
CA ALA A 525 4.63 -17.45 -39.07
C ALA A 525 3.37 -17.15 -38.26
N SER A 526 2.73 -18.22 -37.78
CA SER A 526 1.70 -18.09 -36.76
C SER A 526 2.27 -18.63 -35.45
N ILE A 527 1.78 -18.10 -34.34
CA ILE A 527 2.31 -18.49 -33.03
C ILE A 527 1.23 -19.04 -32.12
N THR A 528 1.66 -19.90 -31.18
CA THR A 528 0.79 -20.38 -30.11
C THR A 528 1.45 -20.02 -28.79
N ALA A 529 0.68 -19.41 -27.89
CA ALA A 529 1.21 -18.90 -26.64
C ALA A 529 0.39 -19.35 -25.43
N SER A 530 1.06 -19.56 -24.31
CA SER A 530 0.38 -19.80 -23.03
C SER A 530 0.88 -18.78 -22.00
N LEU A 531 -0.05 -18.25 -21.21
CA LEU A 531 0.30 -17.19 -20.25
C LEU A 531 -0.32 -17.44 -18.88
N LYS A 532 0.37 -17.00 -17.83
CA LYS A 532 -0.20 -16.92 -16.49
C LYS A 532 0.06 -15.51 -15.97
N ILE A 533 -0.99 -14.83 -15.52
CA ILE A 533 -0.89 -13.42 -15.12
C ILE A 533 -1.43 -13.21 -13.71
N TRP A 534 -0.59 -12.64 -12.84
CA TRP A 534 -0.98 -12.32 -11.45
C TRP A 534 -1.16 -10.82 -11.25
N GLU A 535 -2.27 -10.43 -10.61
CA GLU A 535 -2.40 -9.08 -10.07
C GLU A 535 -1.44 -8.97 -8.87
N MET A 536 -0.82 -7.79 -8.72
CA MET A 536 0.20 -7.57 -7.69
C MET A 536 -0.23 -6.54 -6.64
N ASN A 537 0.02 -6.88 -5.37
CA ASN A 537 -0.30 -5.99 -4.23
C ASN A 537 0.74 -4.87 -4.08
N SER A 538 0.41 -3.88 -3.25
CA SER A 538 1.39 -2.90 -2.76
C SER A 538 2.42 -3.59 -1.86
N ALA A 539 3.63 -3.02 -1.83
CA ALA A 539 4.65 -3.41 -0.85
C ALA A 539 4.52 -2.63 0.47
N PHE A 540 3.57 -1.69 0.49
CA PHE A 540 3.27 -0.88 1.70
C PHE A 540 4.50 -0.21 2.31
N ILE A 541 5.33 0.38 1.45
CA ILE A 541 6.55 1.05 1.91
C ILE A 541 6.20 2.29 2.74
N GLN A 542 6.74 2.36 3.95
CA GLN A 542 6.33 3.33 4.97
C GLN A 542 7.44 3.56 6.00
N PRO A 543 7.30 4.56 6.88
CA PRO A 543 8.31 4.74 7.93
C PRO A 543 8.35 3.57 8.91
N PHE A 544 9.54 3.27 9.43
CA PHE A 544 9.72 2.32 10.52
C PHE A 544 9.12 2.90 11.81
N HIS A 545 8.37 2.08 12.54
CA HIS A 545 7.89 2.44 13.88
C HIS A 545 8.18 1.33 14.87
N VAL B 6 -5.61 -16.75 28.03
CA VAL B 6 -4.13 -16.76 28.21
C VAL B 6 -3.46 -15.99 27.07
N PRO B 7 -2.38 -15.23 27.38
CA PRO B 7 -1.70 -14.49 26.32
C PRO B 7 -1.07 -15.40 25.26
N TYR B 8 -1.25 -15.01 24.00
CA TYR B 8 -0.66 -15.71 22.85
C TYR B 8 0.67 -15.03 22.50
N PRO B 9 1.70 -15.83 22.15
CA PRO B 9 3.00 -15.24 21.80
C PRO B 9 3.06 -14.71 20.36
N TRP B 10 2.35 -13.60 20.12
CA TRP B 10 2.27 -12.99 18.80
C TRP B 10 3.66 -12.72 18.20
N SER B 11 3.84 -13.13 16.94
CA SER B 11 5.09 -12.90 16.21
C SER B 11 5.02 -11.57 15.45
N ASN B 12 6.19 -11.08 15.03
CA ASN B 12 6.26 -9.90 14.17
C ASN B 12 5.43 -10.06 12.89
N ALA B 13 5.52 -11.23 12.26
CA ALA B 13 4.76 -11.51 11.04
C ALA B 13 3.25 -11.50 11.27
N GLN B 14 2.82 -12.08 12.39
CA GLN B 14 1.39 -12.12 12.72
C GLN B 14 0.83 -10.71 12.98
N LEU B 15 1.59 -9.91 13.72
CA LEU B 15 1.16 -8.56 14.06
C LEU B 15 1.18 -7.61 12.86
N SER B 16 2.24 -7.68 12.04
CA SER B 16 2.36 -6.81 10.86
C SER B 16 1.19 -7.01 9.89
N TRP B 17 0.72 -8.26 9.78
CA TRP B 17 -0.37 -8.60 8.87
C TRP B 17 -1.68 -7.88 9.23
N GLN B 18 -1.82 -7.50 10.49
CA GLN B 18 -3.08 -6.93 10.98
C GLN B 18 -3.42 -5.56 10.40
N ARG B 19 -2.40 -4.78 9.99
CA ARG B 19 -2.65 -3.46 9.38
C ARG B 19 -3.46 -3.59 8.09
N THR B 20 -4.39 -2.68 7.88
CA THR B 20 -5.28 -2.76 6.72
C THR B 20 -4.65 -2.17 5.46
N ALA B 21 -5.12 -2.64 4.31
CA ALA B 21 -4.65 -2.17 3.01
C ALA B 21 -5.44 -0.97 2.50
N PHE B 22 -6.72 -0.89 2.85
CA PHE B 22 -7.57 0.16 2.27
C PHE B 22 -8.56 0.86 3.21
N HIS B 23 -8.40 0.67 4.51
CA HIS B 23 -9.17 1.43 5.50
C HIS B 23 -8.35 2.59 6.08
N PHE B 24 -9.01 3.67 6.48
CA PHE B 24 -8.26 4.75 7.12
C PHE B 24 -7.75 4.42 8.51
N GLN B 25 -6.45 4.62 8.67
CA GLN B 25 -5.77 4.59 9.96
C GLN B 25 -4.49 5.41 9.84
N PRO B 26 -4.02 6.02 10.94
CA PRO B 26 -2.80 6.82 10.90
C PRO B 26 -1.55 5.94 10.80
N GLU B 27 -0.38 6.55 10.62
CA GLU B 27 0.89 5.82 10.53
C GLU B 27 1.09 4.90 11.74
N ARG B 28 0.78 5.42 12.92
CA ARG B 28 0.94 4.68 14.17
C ARG B 28 -0.01 5.22 15.25
N SER B 29 -0.02 4.53 16.39
CA SER B 29 -0.70 4.98 17.63
C SER B 29 -2.22 4.79 17.64
N TRP B 30 -2.88 5.40 18.65
CA TRP B 30 -4.33 5.29 18.85
C TRP B 30 -5.11 6.32 18.04
N MET B 31 -6.13 5.85 17.33
CA MET B 31 -7.15 6.71 16.72
C MET B 31 -8.54 6.29 17.23
N SER B 32 -9.43 7.25 17.48
CA SER B 32 -10.84 6.90 17.77
C SER B 32 -11.91 7.78 17.07
N ASP B 33 -12.69 8.53 17.85
CA ASP B 33 -13.94 9.16 17.32
C ASP B 33 -13.74 10.04 16.08
N PRO B 34 -14.61 9.88 15.07
CA PRO B 34 -14.72 10.86 13.98
C PRO B 34 -14.99 12.28 14.51
N ASP B 35 -14.36 13.27 13.89
CA ASP B 35 -14.54 14.68 14.25
C ASP B 35 -14.75 15.53 13.00
N GLY B 36 -15.75 16.42 13.05
CA GLY B 36 -15.99 17.45 12.04
C GLY B 36 -15.85 17.12 10.55
N PRO B 37 -16.45 16.02 10.08
CA PRO B 37 -16.34 15.72 8.64
C PRO B 37 -17.08 16.72 7.77
N ILE B 38 -16.44 17.13 6.67
CA ILE B 38 -17.00 18.10 5.72
C ILE B 38 -16.45 17.85 4.31
N PHE B 39 -17.15 18.37 3.30
CA PHE B 39 -16.59 18.54 1.96
C PHE B 39 -16.32 20.04 1.75
N TYR B 40 -15.11 20.38 1.31
CA TYR B 40 -14.71 21.79 1.16
C TYR B 40 -13.72 22.01 0.02
N LYS B 41 -14.08 22.90 -0.91
CA LYS B 41 -13.21 23.29 -2.03
C LYS B 41 -12.50 22.11 -2.72
N GLY B 42 -13.28 21.09 -3.09
CA GLY B 42 -12.77 19.95 -3.85
C GLY B 42 -12.22 18.78 -3.05
N TRP B 43 -12.16 18.93 -1.73
CA TRP B 43 -11.62 17.89 -0.84
C TRP B 43 -12.61 17.42 0.22
N TYR B 44 -12.64 16.10 0.44
CA TYR B 44 -13.28 15.56 1.63
C TYR B 44 -12.29 15.66 2.81
N HIS B 45 -12.75 16.24 3.91
CA HIS B 45 -11.96 16.41 5.12
C HIS B 45 -12.44 15.47 6.22
N PHE B 46 -11.48 14.83 6.89
CA PHE B 46 -11.78 14.00 8.05
C PHE B 46 -10.82 14.33 9.19
N PHE B 47 -11.37 14.56 10.38
CA PHE B 47 -10.58 14.77 11.60
C PHE B 47 -10.90 13.63 12.57
N TYR B 48 -10.03 13.39 13.56
CA TYR B 48 -10.20 12.21 14.41
C TYR B 48 -9.44 12.31 15.72
N GLN B 49 -9.99 11.71 16.78
CA GLN B 49 -9.30 11.65 18.08
C GLN B 49 -8.00 10.87 17.89
N TYR B 50 -6.91 11.41 18.45
CA TYR B 50 -5.57 10.85 18.25
C TYR B 50 -4.73 11.02 19.52
N ASN B 51 -4.09 9.93 19.95
CA ASN B 51 -3.08 9.99 21.00
C ASN B 51 -1.70 9.92 20.37
N PRO B 52 -0.92 11.01 20.44
CA PRO B 52 0.41 11.00 19.80
C PRO B 52 1.42 10.07 20.48
N ASP B 53 1.14 9.71 21.73
CA ASP B 53 2.17 9.08 22.58
C ASP B 53 2.12 7.55 22.67
N ASN B 54 0.93 6.98 22.74
CA ASN B 54 0.74 5.54 22.99
C ASN B 54 -0.53 5.02 22.30
N PRO B 55 -0.56 3.71 21.94
CA PRO B 55 -1.77 3.15 21.30
C PRO B 55 -2.88 2.77 22.30
N VAL B 56 -3.15 3.68 23.23
CA VAL B 56 -4.28 3.57 24.17
C VAL B 56 -4.98 4.93 24.17
N TRP B 57 -6.22 4.98 24.67
CA TRP B 57 -6.96 6.25 24.78
C TRP B 57 -6.20 7.22 25.69
N GLY B 58 -6.16 8.50 25.30
CA GLY B 58 -5.58 9.54 26.14
C GLY B 58 -4.91 10.67 25.38
N ASN B 59 -4.40 11.66 26.13
CA ASN B 59 -3.68 12.80 25.56
C ASN B 59 -4.31 13.32 24.27
N ASN B 60 -5.63 13.53 24.29
CA ASN B 60 -6.43 13.70 23.08
C ASN B 60 -6.17 14.94 22.24
N THR B 61 -5.89 14.71 20.96
CA THR B 61 -5.68 15.73 19.93
C THR B 61 -6.53 15.36 18.72
N TRP B 62 -6.59 16.25 17.71
CA TRP B 62 -7.26 15.94 16.45
C TRP B 62 -6.27 15.78 15.31
N GLY B 63 -6.22 14.57 14.73
CA GLY B 63 -5.55 14.34 13.46
C GLY B 63 -6.40 14.88 12.31
N HIS B 64 -5.80 14.99 11.12
CA HIS B 64 -6.48 15.57 9.95
C HIS B 64 -5.99 14.88 8.67
N THR B 65 -6.93 14.51 7.81
CA THR B 65 -6.62 13.88 6.52
C THR B 65 -7.60 14.35 5.44
N VAL B 66 -7.14 14.35 4.18
CA VAL B 66 -7.99 14.73 3.03
C VAL B 66 -7.95 13.68 1.91
N SER B 67 -9.03 13.63 1.11
CA SER B 67 -9.08 12.82 -0.11
C SER B 67 -10.00 13.45 -1.14
N ARG B 68 -9.81 13.09 -2.41
CA ARG B 68 -10.69 13.53 -3.48
C ARG B 68 -11.96 12.70 -3.54
N ASP B 69 -11.93 11.50 -2.93
CA ASP B 69 -12.92 10.46 -3.21
C ASP B 69 -13.37 9.60 -2.02
N LEU B 70 -13.06 10.02 -0.80
CA LEU B 70 -13.39 9.27 0.44
C LEU B 70 -12.66 7.93 0.61
N ILE B 71 -11.65 7.69 -0.22
CA ILE B 71 -10.90 6.42 -0.22
C ILE B 71 -9.38 6.65 -0.20
N HIS B 72 -8.89 7.49 -1.10
CA HIS B 72 -7.45 7.72 -1.24
C HIS B 72 -6.97 8.86 -0.34
N TRP B 73 -6.80 8.53 0.94
CA TRP B 73 -6.49 9.51 1.98
C TRP B 73 -5.03 9.93 2.00
N LEU B 74 -4.81 11.20 2.35
CA LEU B 74 -3.48 11.79 2.45
C LEU B 74 -3.35 12.47 3.83
N TYR B 75 -2.27 12.15 4.56
CA TYR B 75 -2.08 12.71 5.90
C TYR B 75 -1.67 14.18 5.86
N LEU B 76 -2.29 14.98 6.73
CA LEU B 76 -1.94 16.39 6.92
C LEU B 76 -1.44 16.60 8.36
N PRO B 77 -0.87 17.79 8.66
CA PRO B 77 -0.43 18.05 10.03
C PRO B 77 -1.57 18.02 11.05
N LEU B 78 -1.23 17.77 12.32
CA LEU B 78 -2.20 17.80 13.42
C LEU B 78 -3.00 19.11 13.38
N ALA B 79 -4.33 19.00 13.52
CA ALA B 79 -5.21 20.18 13.45
C ALA B 79 -5.36 20.93 14.77
N LEU B 80 -5.60 20.20 15.86
CA LEU B 80 -5.80 20.79 17.18
C LEU B 80 -5.03 19.99 18.22
N ALA B 81 -4.30 20.70 19.09
CA ALA B 81 -3.55 20.09 20.18
C ALA B 81 -4.17 20.48 21.53
N ALA B 82 -3.82 19.73 22.57
CA ALA B 82 -4.26 20.02 23.94
C ALA B 82 -3.28 21.01 24.55
N ASP B 83 -3.51 22.30 24.32
CA ASP B 83 -2.47 23.32 24.59
C ASP B 83 -2.95 24.61 25.28
N GLN B 84 -4.22 24.65 25.68
CA GLN B 84 -4.75 25.76 26.46
C GLN B 84 -5.27 25.24 27.80
N TRP B 85 -5.42 26.14 28.78
CA TRP B 85 -5.88 25.72 30.11
C TRP B 85 -7.22 24.98 30.03
N TYR B 86 -8.08 25.44 29.12
CA TYR B 86 -9.44 24.91 29.01
C TYR B 86 -9.53 23.61 28.19
N ASP B 87 -8.42 23.19 27.59
CA ASP B 87 -8.40 21.91 26.88
C ASP B 87 -7.14 21.07 27.11
N MET B 88 -6.44 21.34 28.22
CA MET B 88 -5.16 20.70 28.53
C MET B 88 -5.28 19.20 28.78
N GLN B 89 -6.45 18.75 29.23
CA GLN B 89 -6.71 17.31 29.41
C GLN B 89 -7.36 16.67 28.18
N GLY B 90 -7.45 17.42 27.09
CA GLY B 90 -7.85 16.86 25.81
C GLY B 90 -8.83 17.71 25.00
N VAL B 91 -8.69 17.63 23.69
CA VAL B 91 -9.69 18.21 22.78
C VAL B 91 -10.55 17.10 22.19
N PHE B 92 -11.86 17.23 22.40
CA PHE B 92 -12.78 16.12 22.15
C PHE B 92 -13.87 16.43 21.15
N SER B 93 -14.38 15.35 20.60
CA SER B 93 -15.38 15.29 19.56
C SER B 93 -16.18 16.54 19.26
N GLY B 94 -16.07 16.96 18.01
CA GLY B 94 -16.67 18.19 17.55
C GLY B 94 -17.40 18.02 16.25
N SER B 95 -18.13 19.06 15.87
CA SER B 95 -18.93 19.09 14.67
C SER B 95 -18.76 20.43 14.01
N ALA B 96 -18.74 20.42 12.67
CA ALA B 96 -18.67 21.66 11.90
C ALA B 96 -20.06 22.11 11.47
N THR B 97 -20.28 23.41 11.52
CA THR B 97 -21.43 24.00 10.85
C THR B 97 -20.88 25.00 9.81
N CYS B 98 -21.26 24.79 8.55
CA CYS B 98 -20.78 25.63 7.45
C CYS B 98 -21.86 26.65 7.10
N LEU B 99 -21.54 27.92 7.31
CA LEU B 99 -22.51 29.02 7.15
C LEU B 99 -22.61 29.55 5.71
N PRO B 100 -23.78 30.10 5.33
CA PRO B 100 -24.04 30.69 4.01
C PRO B 100 -23.01 31.75 3.56
N ASP B 101 -22.43 32.47 4.50
CA ASP B 101 -21.42 33.50 4.19
C ASP B 101 -20.03 32.93 3.86
N GLY B 102 -19.89 31.61 3.99
CA GLY B 102 -18.65 30.94 3.64
C GLY B 102 -17.80 30.50 4.83
N ARG B 103 -18.18 30.92 6.03
CA ARG B 103 -17.42 30.60 7.23
C ARG B 103 -17.66 29.16 7.69
N ILE B 104 -16.65 28.58 8.33
CA ILE B 104 -16.73 27.24 8.93
C ILE B 104 -16.54 27.38 10.43
N MET B 105 -17.56 26.97 11.19
CA MET B 105 -17.50 27.05 12.65
C MET B 105 -17.38 25.63 13.23
N MET B 106 -16.28 25.38 13.93
CA MET B 106 -16.02 24.05 14.51
C MET B 106 -16.20 24.09 16.02
N LEU B 107 -17.26 23.44 16.49
CA LEU B 107 -17.53 23.36 17.93
C LEU B 107 -16.87 22.09 18.49
N TYR B 108 -16.21 22.22 19.62
CA TYR B 108 -15.58 21.05 20.26
C TYR B 108 -15.66 21.12 21.79
N THR B 109 -15.42 19.98 22.43
CA THR B 109 -15.41 19.92 23.89
C THR B 109 -13.97 19.86 24.38
N GLY B 110 -13.60 20.81 25.23
CA GLY B 110 -12.28 20.81 25.88
C GLY B 110 -12.39 20.40 27.34
N VAL B 111 -11.36 19.72 27.84
CA VAL B 111 -11.36 19.26 29.24
C VAL B 111 -10.23 19.91 30.03
N THR B 112 -10.56 20.44 31.21
CA THR B 112 -9.58 21.09 32.09
C THR B 112 -8.84 20.06 32.93
N LYS B 113 -7.80 20.50 33.66
CA LYS B 113 -7.07 19.65 34.60
C LYS B 113 -7.96 19.03 35.68
N GLU B 114 -9.11 19.66 35.95
CA GLU B 114 -10.09 19.18 36.93
C GLU B 114 -11.15 18.23 36.32
N MET B 115 -10.95 17.85 35.06
CA MET B 115 -11.88 16.98 34.30
C MET B 115 -13.19 17.67 33.92
N VAL B 116 -13.25 18.99 34.09
CA VAL B 116 -14.44 19.77 33.73
C VAL B 116 -14.53 19.91 32.22
N GLU B 117 -15.73 19.66 31.67
CA GLU B 117 -15.97 19.69 30.23
C GLU B 117 -16.74 20.95 29.83
N MET B 118 -16.21 21.69 28.87
CA MET B 118 -16.86 22.91 28.37
C MET B 118 -16.76 23.02 26.84
N LEU B 119 -17.75 23.66 26.22
CA LEU B 119 -17.73 23.88 24.78
C LEU B 119 -16.81 25.03 24.40
N SER B 120 -16.08 24.84 23.30
CA SER B 120 -15.19 25.86 22.72
C SER B 120 -15.35 25.91 21.20
N LEU B 121 -14.82 26.97 20.59
CA LEU B 121 -14.93 27.20 19.15
C LEU B 121 -13.55 27.26 18.48
N ALA B 122 -13.42 26.61 17.33
CA ALA B 122 -12.24 26.75 16.46
C ALA B 122 -12.67 27.06 15.03
N TYR B 123 -11.77 27.63 14.25
CA TYR B 123 -12.05 27.94 12.84
C TYR B 123 -10.76 27.99 12.02
N PRO B 124 -10.86 27.86 10.69
CA PRO B 124 -9.63 27.90 9.89
C PRO B 124 -8.89 29.23 9.99
N ALA B 125 -7.56 29.17 9.93
CA ALA B 125 -6.74 30.39 9.88
C ALA B 125 -6.87 31.08 8.53
N ASP B 126 -7.25 30.32 7.51
CA ASP B 126 -7.24 30.78 6.12
C ASP B 126 -8.26 30.01 5.30
N LEU B 127 -9.44 30.61 5.08
CA LEU B 127 -10.51 29.96 4.32
C LEU B 127 -10.19 29.77 2.83
N SER B 128 -9.15 30.46 2.34
CA SER B 128 -8.72 30.29 0.94
C SER B 128 -7.91 29.02 0.71
N ASP B 129 -7.49 28.36 1.80
CA ASP B 129 -6.72 27.12 1.72
C ASP B 129 -7.67 25.92 1.63
N PRO B 130 -7.77 25.27 0.44
CA PRO B 130 -8.66 24.11 0.31
C PRO B 130 -8.30 22.98 1.27
N LEU B 131 -7.03 22.92 1.67
CA LEU B 131 -6.55 21.88 2.58
C LEU B 131 -6.82 22.17 4.07
N LEU B 132 -7.17 23.42 4.38
CA LEU B 132 -7.48 23.84 5.75
C LEU B 132 -6.44 23.32 6.75
N VAL B 133 -5.16 23.57 6.46
CA VAL B 133 -4.07 23.04 7.27
C VAL B 133 -4.04 23.61 8.70
N GLU B 134 -4.18 24.93 8.81
CA GLU B 134 -4.01 25.62 10.08
C GLU B 134 -5.34 26.00 10.73
N TRP B 135 -5.48 25.72 12.02
CA TRP B 135 -6.69 26.03 12.79
C TRP B 135 -6.40 26.98 13.96
N VAL B 136 -7.36 27.87 14.23
CA VAL B 136 -7.24 28.90 15.26
C VAL B 136 -8.35 28.69 16.29
N LYS B 137 -8.00 28.86 17.56
CA LYS B 137 -8.99 28.81 18.64
C LYS B 137 -9.53 30.21 18.98
N TYR B 138 -10.84 30.29 19.14
CA TYR B 138 -11.53 31.55 19.46
C TYR B 138 -10.96 32.16 20.75
N PRO B 139 -10.50 33.43 20.70
CA PRO B 139 -9.96 34.12 21.87
C PRO B 139 -10.91 34.16 23.08
N GLY B 140 -12.20 34.03 22.83
CA GLY B 140 -13.20 34.03 23.91
C GLY B 140 -13.49 32.69 24.55
N ASN B 141 -12.78 31.63 24.12
CA ASN B 141 -12.94 30.29 24.70
C ASN B 141 -12.56 30.25 26.19
N PRO B 142 -13.22 29.40 26.99
CA PRO B 142 -14.33 28.52 26.61
C PRO B 142 -15.66 29.29 26.59
N ILE B 143 -16.61 28.81 25.79
CA ILE B 143 -17.82 29.58 25.48
C ILE B 143 -19.11 29.16 26.22
N LEU B 144 -19.14 27.92 26.71
CA LEU B 144 -20.36 27.38 27.33
C LEU B 144 -20.04 26.33 28.38
N SER B 145 -20.59 26.52 29.58
CA SER B 145 -20.45 25.57 30.69
C SER B 145 -21.78 24.89 30.99
N ALA B 146 -21.73 23.80 31.76
CA ALA B 146 -22.91 22.97 32.02
C ALA B 146 -24.02 23.74 32.76
N PRO B 147 -25.29 23.48 32.39
CA PRO B 147 -26.45 24.05 33.10
C PRO B 147 -26.64 23.37 34.46
N PRO B 148 -27.48 23.95 35.35
CA PRO B 148 -27.65 23.40 36.70
C PRO B 148 -28.05 21.91 36.76
N GLY B 149 -28.80 21.44 35.77
CA GLY B 149 -29.30 20.06 35.77
C GLY B 149 -28.36 18.97 35.26
N VAL B 150 -27.17 19.37 34.80
CA VAL B 150 -26.21 18.47 34.16
C VAL B 150 -24.83 18.57 34.81
N SER B 151 -24.19 17.43 35.02
CA SER B 151 -22.85 17.39 35.61
C SER B 151 -21.82 18.11 34.73
N PRO B 152 -20.97 18.97 35.34
CA PRO B 152 -19.94 19.65 34.56
C PRO B 152 -18.78 18.73 34.12
N THR B 153 -18.75 17.49 34.62
CA THR B 153 -17.78 16.50 34.14
C THR B 153 -18.38 15.53 33.11
N GLU B 154 -19.60 15.84 32.66
CA GLU B 154 -20.30 15.02 31.65
C GLU B 154 -21.19 15.94 30.80
N PHE B 155 -20.55 16.86 30.10
CA PHE B 155 -21.23 17.89 29.30
C PHE B 155 -20.44 18.01 27.99
N ARG B 156 -20.86 17.25 26.97
CA ARG B 156 -20.00 17.02 25.80
C ARG B 156 -20.75 16.79 24.47
N ASP B 157 -20.02 16.94 23.37
CA ASP B 157 -20.42 16.43 22.05
C ASP B 157 -21.53 17.23 21.34
N ALA B 158 -21.25 18.49 20.99
CA ALA B 158 -22.21 19.30 20.23
C ALA B 158 -22.35 18.79 18.79
N SER B 159 -23.58 18.83 18.27
CA SER B 159 -23.89 18.38 16.90
C SER B 159 -23.61 19.46 15.86
N THR B 160 -23.73 19.08 14.59
CA THR B 160 -23.82 20.04 13.49
C THR B 160 -25.14 20.80 13.66
N GLY B 161 -25.15 22.09 13.31
CA GLY B 161 -26.33 22.94 13.51
C GLY B 161 -27.36 22.81 12.40
N TRP B 162 -28.60 23.18 12.74
CA TRP B 162 -29.66 23.29 11.74
C TRP B 162 -30.31 24.68 11.86
N TYR B 163 -30.70 25.24 10.71
CA TYR B 163 -31.19 26.61 10.65
C TYR B 163 -32.67 26.71 10.98
N VAL B 164 -33.03 27.76 11.72
CA VAL B 164 -34.42 28.01 12.09
C VAL B 164 -34.97 29.15 11.22
N SER B 165 -34.68 30.39 11.61
CA SER B 165 -35.13 31.58 10.91
C SER B 165 -34.48 32.80 11.53
N ASN B 166 -34.51 33.92 10.82
CA ASN B 166 -34.01 35.20 11.32
C ASN B 166 -32.59 35.14 11.91
N GLY B 167 -31.73 34.33 11.29
CA GLY B 167 -30.34 34.21 11.70
C GLY B 167 -30.05 33.23 12.83
N THR B 168 -31.08 32.57 13.34
CA THR B 168 -30.94 31.66 14.48
C THR B 168 -30.69 30.22 14.04
N TRP B 169 -29.65 29.60 14.64
CA TRP B 169 -29.32 28.19 14.46
C TRP B 169 -29.54 27.41 15.76
N ARG B 170 -29.81 26.11 15.64
CA ARG B 170 -29.91 25.20 16.78
C ARG B 170 -28.86 24.10 16.72
N ILE B 171 -28.35 23.69 17.89
CA ILE B 171 -27.47 22.52 18.02
C ILE B 171 -27.99 21.60 19.12
N ALA B 172 -27.66 20.31 19.02
CA ALA B 172 -28.01 19.34 20.06
C ALA B 172 -26.79 18.98 20.92
N ILE B 173 -27.01 18.84 22.24
CA ILE B 173 -26.01 18.28 23.15
C ILE B 173 -26.68 17.18 23.98
N GLY B 174 -26.24 15.95 23.80
CA GLY B 174 -26.75 14.82 24.59
C GLY B 174 -26.26 14.83 26.04
N ALA B 175 -27.10 14.32 26.93
CA ALA B 175 -26.74 14.14 28.35
C ALA B 175 -27.64 13.08 28.97
N LYS B 176 -27.85 13.18 30.28
CA LYS B 176 -28.83 12.36 31.00
C LYS B 176 -29.39 13.09 32.22
N TYR B 177 -30.59 12.70 32.64
CA TYR B 177 -31.14 13.05 33.95
C TYR B 177 -31.37 11.71 34.66
N ASN B 178 -30.60 11.45 35.71
CA ASN B 178 -30.63 10.13 36.37
C ASN B 178 -30.36 9.01 35.35
N THR B 179 -31.27 8.06 35.18
CA THR B 179 -31.05 6.98 34.20
C THR B 179 -31.68 7.27 32.82
N THR B 180 -32.27 8.46 32.68
CA THR B 180 -32.95 8.85 31.44
C THR B 180 -32.01 9.60 30.50
N GLY B 181 -31.81 9.05 29.30
CA GLY B 181 -31.02 9.72 28.26
C GLY B 181 -31.77 10.90 27.66
N ILE B 182 -31.07 12.01 27.40
CA ILE B 182 -31.71 13.23 26.88
C ILE B 182 -30.88 13.90 25.79
N ALA B 183 -31.55 14.72 24.97
CA ALA B 183 -30.88 15.62 24.05
C ALA B 183 -31.37 17.05 24.28
N MET B 184 -30.49 17.89 24.80
CA MET B 184 -30.76 19.32 24.98
C MET B 184 -30.54 20.05 23.66
N VAL B 185 -31.19 21.19 23.50
CA VAL B 185 -30.99 22.05 22.34
C VAL B 185 -30.60 23.48 22.76
N TYR B 186 -29.56 24.00 22.14
CA TYR B 186 -29.13 25.40 22.33
C TYR B 186 -29.32 26.20 21.06
N GLU B 187 -29.69 27.47 21.20
CA GLU B 187 -29.80 28.39 20.06
C GLU B 187 -28.65 29.39 20.02
N THR B 188 -28.27 29.80 18.82
CA THR B 188 -27.19 30.77 18.61
C THR B 188 -27.38 31.54 17.30
N LYS B 189 -26.84 32.76 17.27
CA LYS B 189 -26.78 33.52 16.02
C LYS B 189 -25.35 33.66 15.50
N ASP B 190 -24.36 33.42 16.36
CA ASP B 190 -22.96 33.68 16.02
C ASP B 190 -21.98 32.54 16.32
N PHE B 191 -22.49 31.48 16.95
CA PHE B 191 -21.68 30.31 17.37
C PHE B 191 -20.63 30.64 18.43
N LYS B 192 -20.86 31.76 19.12
CA LYS B 192 -19.99 32.24 20.20
C LYS B 192 -20.76 32.34 21.52
N SER B 193 -22.07 32.65 21.43
CA SER B 193 -22.96 32.70 22.59
C SER B 193 -24.13 31.76 22.38
N PHE B 194 -24.48 30.99 23.41
CA PHE B 194 -25.53 29.97 23.31
C PHE B 194 -26.61 30.11 24.40
N LYS B 195 -27.86 29.83 24.01
CA LYS B 195 -29.02 29.87 24.93
C LYS B 195 -29.73 28.52 24.99
N LEU B 196 -29.91 27.99 26.19
CA LEU B 196 -30.57 26.69 26.39
C LEU B 196 -32.08 26.81 26.28
N LEU B 197 -32.67 25.97 25.42
CA LEU B 197 -34.13 25.93 25.26
C LEU B 197 -34.78 25.10 26.37
N GLU B 198 -35.98 25.51 26.79
CA GLU B 198 -36.71 24.82 27.85
C GLU B 198 -37.16 23.41 27.43
N GLU B 199 -37.51 23.26 26.15
CA GLU B 199 -37.97 21.97 25.64
C GLU B 199 -36.83 21.11 25.13
N LEU B 200 -36.71 19.90 25.67
CA LEU B 200 -35.76 18.92 25.17
C LEU B 200 -36.17 18.47 23.78
N LEU B 201 -35.17 18.12 22.96
CA LEU B 201 -35.42 17.50 21.66
C LEU B 201 -36.19 16.19 21.85
N HIS B 202 -35.67 15.33 22.74
CA HIS B 202 -36.30 14.08 23.11
C HIS B 202 -35.62 13.48 24.35
N ALA B 203 -36.29 12.50 24.96
CA ALA B 203 -35.75 11.76 26.10
C ALA B 203 -36.30 10.34 26.10
N VAL B 204 -35.49 9.38 26.53
CA VAL B 204 -35.92 7.98 26.63
C VAL B 204 -35.46 7.39 27.96
N PRO B 205 -36.39 6.87 28.77
CA PRO B 205 -36.02 6.29 30.07
C PRO B 205 -35.11 5.06 29.95
N ASP B 206 -34.27 4.86 30.98
CA ASP B 206 -33.47 3.66 31.18
C ASP B 206 -32.41 3.38 30.09
N THR B 207 -31.88 4.43 29.48
CA THR B 207 -30.81 4.28 28.48
C THR B 207 -29.45 4.73 28.99
N GLY B 208 -29.46 5.61 30.00
CA GLY B 208 -28.23 6.25 30.47
C GLY B 208 -27.77 7.35 29.51
N LEU B 209 -26.52 7.79 29.68
CA LEU B 209 -25.95 8.90 28.92
C LEU B 209 -26.02 8.74 27.38
N TRP B 210 -26.51 9.79 26.72
CA TRP B 210 -26.44 9.91 25.26
C TRP B 210 -25.21 10.72 24.87
N GLU B 211 -24.28 10.10 24.13
CA GLU B 211 -23.14 10.78 23.52
C GLU B 211 -23.39 11.01 22.03
N CYS B 212 -22.65 11.96 21.45
CA CYS B 212 -22.56 12.09 19.98
C CYS B 212 -23.92 12.08 19.29
N VAL B 213 -24.85 12.91 19.76
CA VAL B 213 -26.20 12.98 19.20
C VAL B 213 -26.21 13.57 17.79
N ASP B 214 -26.96 12.95 16.87
CA ASP B 214 -27.05 13.38 15.48
C ASP B 214 -28.54 13.49 15.11
N LEU B 215 -28.95 14.64 14.57
CA LEU B 215 -30.31 14.84 14.06
C LEU B 215 -30.22 15.28 12.60
N TYR B 216 -30.86 14.53 11.70
CA TYR B 216 -30.79 14.87 10.26
C TYR B 216 -32.02 14.42 9.46
N PRO B 217 -32.35 15.16 8.38
CA PRO B 217 -33.49 14.81 7.55
C PRO B 217 -33.16 13.74 6.51
N VAL B 218 -34.17 12.92 6.17
CA VAL B 218 -34.07 11.94 5.08
C VAL B 218 -35.32 12.02 4.20
N SER B 219 -35.15 11.78 2.91
CA SER B 219 -36.26 11.85 1.96
C SER B 219 -37.08 10.56 1.94
N THR B 220 -38.40 10.69 1.77
CA THR B 220 -39.29 9.54 1.62
C THR B 220 -39.44 9.15 0.15
N THR B 221 -38.89 9.97 -0.73
CA THR B 221 -38.89 9.73 -2.18
C THR B 221 -37.51 9.99 -2.79
N GLY B 222 -37.23 9.36 -3.92
CA GLY B 222 -35.93 9.53 -4.59
C GLY B 222 -34.77 8.86 -3.86
N GLU B 223 -33.56 9.13 -4.33
CA GLU B 223 -32.38 8.41 -3.82
C GLU B 223 -31.20 9.33 -3.48
N LYS B 224 -31.50 10.56 -3.11
CA LYS B 224 -30.48 11.53 -2.70
C LYS B 224 -30.53 11.81 -1.20
N GLY B 225 -29.38 12.15 -0.63
CA GLY B 225 -29.33 12.66 0.73
C GLY B 225 -29.87 14.08 0.76
N LEU B 226 -30.13 14.58 1.97
CA LEU B 226 -30.65 15.93 2.15
C LEU B 226 -29.73 16.80 3.00
N GLU B 227 -29.64 18.07 2.64
CA GLU B 227 -28.89 19.06 3.41
C GLU B 227 -29.50 19.17 4.81
N THR B 228 -28.66 19.40 5.81
CA THR B 228 -29.06 19.28 7.22
C THR B 228 -30.27 20.14 7.67
N SER B 229 -30.47 21.28 7.03
CA SER B 229 -31.54 22.22 7.43
C SER B 229 -32.88 22.00 6.69
N VAL B 230 -32.92 21.05 5.77
CA VAL B 230 -34.12 20.77 4.98
C VAL B 230 -35.27 20.24 5.85
N ASN B 231 -36.46 20.80 5.67
CA ASN B 231 -37.66 20.31 6.34
C ASN B 231 -38.88 20.52 5.45
N GLY B 232 -39.96 19.79 5.73
CA GLY B 232 -41.18 19.87 4.93
C GLY B 232 -42.00 18.59 4.97
N PRO B 233 -42.92 18.42 3.99
CA PRO B 233 -43.92 17.35 3.97
C PRO B 233 -43.35 15.95 3.66
N LYS B 234 -42.51 15.85 2.63
CA LYS B 234 -41.90 14.55 2.26
C LYS B 234 -40.59 14.30 3.01
N VAL B 235 -40.49 14.84 4.23
CA VAL B 235 -39.27 14.76 5.04
C VAL B 235 -39.50 14.06 6.38
N LYS B 236 -38.68 13.05 6.67
CA LYS B 236 -38.62 12.46 8.01
C LYS B 236 -37.26 12.78 8.62
N HIS B 237 -37.13 12.62 9.94
CA HIS B 237 -35.86 12.88 10.62
C HIS B 237 -35.37 11.65 11.38
N VAL B 238 -34.08 11.34 11.21
CA VAL B 238 -33.42 10.33 12.04
C VAL B 238 -32.87 11.02 13.28
N LEU B 239 -33.13 10.43 14.46
CA LEU B 239 -32.41 10.81 15.68
C LEU B 239 -31.51 9.65 16.08
N LYS B 240 -30.23 9.96 16.30
CA LYS B 240 -29.22 8.96 16.64
C LYS B 240 -28.48 9.35 17.92
N ALA B 241 -28.16 8.37 18.75
CA ALA B 241 -27.29 8.59 19.92
C ALA B 241 -26.30 7.46 20.10
N SER B 242 -25.09 7.82 20.54
CA SER B 242 -24.12 6.84 21.01
C SER B 242 -24.43 6.54 22.47
N ILE B 243 -24.78 5.28 22.75
CA ILE B 243 -25.21 4.90 24.08
C ILE B 243 -23.97 4.47 24.90
N ASP B 244 -23.51 5.39 25.76
CA ASP B 244 -22.25 5.25 26.50
C ASP B 244 -22.11 3.95 27.28
N GLU B 245 -23.16 3.56 28.00
CA GLU B 245 -23.09 2.37 28.85
C GLU B 245 -22.89 1.08 28.05
N GLN B 246 -23.28 1.10 26.78
CA GLN B 246 -23.18 -0.07 25.89
C GLN B 246 -22.02 0.02 24.87
N GLN B 247 -21.51 1.22 24.65
CA GLN B 247 -20.55 1.50 23.56
C GLN B 247 -21.09 1.01 22.20
N ARG B 248 -22.36 1.31 21.95
CA ARG B 248 -23.05 0.97 20.70
C ARG B 248 -23.88 2.17 20.24
N ASP B 249 -24.09 2.27 18.92
CA ASP B 249 -24.87 3.37 18.32
C ASP B 249 -26.28 2.93 17.94
N TYR B 250 -27.27 3.69 18.40
CA TYR B 250 -28.68 3.41 18.12
C TYR B 250 -29.34 4.58 17.38
N TYR B 251 -30.31 4.29 16.52
CA TYR B 251 -31.07 5.33 15.82
C TYR B 251 -32.56 5.00 15.82
N ALA B 252 -33.37 6.01 15.50
CA ALA B 252 -34.79 5.81 15.24
C ALA B 252 -35.29 6.78 14.19
N ILE B 253 -36.39 6.41 13.53
CA ILE B 253 -37.01 7.21 12.48
C ILE B 253 -38.25 7.92 13.02
N GLY B 254 -38.36 9.21 12.76
CA GLY B 254 -39.51 9.99 13.24
C GLY B 254 -39.68 11.31 12.53
N THR B 255 -40.24 12.28 13.24
CA THR B 255 -40.50 13.60 12.68
C THR B 255 -40.08 14.69 13.66
N TYR B 256 -39.48 15.75 13.11
CA TYR B 256 -39.05 16.90 13.90
C TYR B 256 -39.85 18.14 13.52
N ASP B 257 -40.38 18.81 14.53
CA ASP B 257 -41.18 20.03 14.34
C ASP B 257 -40.40 21.23 14.87
N LEU B 258 -40.09 22.17 13.98
CA LEU B 258 -39.34 23.38 14.34
C LEU B 258 -40.07 24.26 15.36
N GLY B 259 -41.40 24.29 15.27
CA GLY B 259 -42.22 25.11 16.16
C GLY B 259 -42.14 24.70 17.62
N THR B 260 -42.21 23.40 17.87
CA THR B 260 -42.18 22.86 19.24
C THR B 260 -40.78 22.46 19.69
N ASN B 261 -39.87 22.32 18.72
CA ASN B 261 -38.52 21.77 18.92
C ASN B 261 -38.50 20.30 19.36
N LYS B 262 -39.63 19.60 19.15
CA LYS B 262 -39.73 18.20 19.53
C LYS B 262 -39.50 17.24 18.37
N TRP B 263 -38.69 16.21 18.60
CA TRP B 263 -38.63 15.04 17.73
C TRP B 263 -39.50 13.94 18.33
N THR B 264 -40.34 13.34 17.49
CA THR B 264 -41.26 12.30 17.94
C THR B 264 -41.03 11.02 17.14
N PRO B 265 -40.86 9.87 17.82
CA PRO B 265 -40.62 8.61 17.10
C PRO B 265 -41.86 8.11 16.36
N ASP B 266 -41.65 7.49 15.19
CA ASP B 266 -42.73 6.82 14.47
C ASP B 266 -43.24 5.62 15.28
N ASN B 267 -42.33 4.97 15.99
CA ASN B 267 -42.63 3.78 16.78
C ASN B 267 -41.92 3.85 18.14
N PRO B 268 -42.68 4.21 19.20
CA PRO B 268 -42.12 4.34 20.56
C PRO B 268 -41.43 3.08 21.10
N GLU B 269 -41.84 1.92 20.59
CA GLU B 269 -41.22 0.65 20.99
C GLU B 269 -39.82 0.48 20.40
N GLU B 270 -39.50 1.25 19.36
CA GLU B 270 -38.17 1.23 18.76
C GLU B 270 -37.47 2.59 18.88
N ASP B 271 -37.72 3.29 19.99
CA ASP B 271 -37.16 4.61 20.27
C ASP B 271 -35.63 4.55 20.43
N VAL B 272 -35.01 5.73 20.48
CA VAL B 272 -33.54 5.85 20.57
C VAL B 272 -32.99 5.09 21.79
N GLY B 273 -32.12 4.13 21.53
CA GLY B 273 -31.47 3.35 22.58
C GLY B 273 -32.12 2.01 22.89
N ILE B 274 -33.33 1.80 22.35
CA ILE B 274 -34.10 0.57 22.61
C ILE B 274 -34.65 -0.06 21.31
N GLY B 275 -34.10 0.37 20.18
CA GLY B 275 -34.56 -0.10 18.87
C GLY B 275 -33.41 -0.53 17.98
N LEU B 276 -33.40 -0.01 16.75
CA LEU B 276 -32.40 -0.42 15.75
C LEU B 276 -31.04 0.25 15.93
N ARG B 277 -30.00 -0.47 15.47
CA ARG B 277 -28.63 0.05 15.37
C ARG B 277 -28.21 0.20 13.90
N TYR B 278 -27.30 1.12 13.64
CA TYR B 278 -26.64 1.22 12.32
C TYR B 278 -25.92 -0.09 11.97
N ASP B 279 -25.28 -0.67 12.99
CA ASP B 279 -24.39 -1.82 12.80
C ASP B 279 -24.42 -2.66 14.07
N TRP B 280 -24.59 -3.98 13.92
CA TRP B 280 -24.76 -4.88 15.05
C TRP B 280 -23.43 -5.42 15.60
N GLY B 281 -22.31 -4.95 15.03
CA GLY B 281 -20.97 -5.33 15.46
C GLY B 281 -20.27 -4.26 16.27
N LYS B 282 -18.98 -4.06 16.02
CA LYS B 282 -18.18 -3.04 16.74
C LYS B 282 -18.10 -1.78 15.89
N TYR B 283 -18.77 -0.73 16.35
CA TYR B 283 -19.09 0.43 15.51
C TYR B 283 -19.57 1.52 16.46
N TYR B 284 -18.83 2.62 16.55
CA TYR B 284 -19.16 3.61 17.58
C TYR B 284 -18.86 5.06 17.17
N ALA B 285 -19.48 5.98 17.91
CA ALA B 285 -19.29 7.43 17.77
C ALA B 285 -19.54 7.94 16.34
N SER B 286 -20.59 7.43 15.71
CA SER B 286 -20.84 7.74 14.30
C SER B 286 -21.36 9.16 14.08
N LYS B 287 -20.89 9.77 12.99
CA LYS B 287 -21.25 11.13 12.61
C LYS B 287 -21.51 11.17 11.11
N THR B 288 -22.58 11.87 10.71
CA THR B 288 -22.89 12.07 9.30
C THR B 288 -22.52 13.48 8.83
N PHE B 289 -22.39 13.63 7.51
CA PHE B 289 -22.29 14.93 6.87
C PHE B 289 -22.96 14.88 5.50
N TYR B 290 -23.38 16.05 5.01
CA TYR B 290 -23.95 16.14 3.68
C TYR B 290 -22.85 16.43 2.66
N ASP B 291 -22.80 15.59 1.62
CA ASP B 291 -21.88 15.73 0.51
C ASP B 291 -22.59 16.41 -0.67
N PRO B 292 -22.26 17.67 -0.97
CA PRO B 292 -22.92 18.39 -2.06
C PRO B 292 -22.46 17.96 -3.46
N LYS B 293 -21.31 17.28 -3.56
CA LYS B 293 -20.78 16.85 -4.85
C LYS B 293 -21.66 15.79 -5.52
N LYS B 294 -22.07 14.77 -4.76
CA LYS B 294 -22.91 13.70 -5.29
C LYS B 294 -24.30 13.66 -4.66
N GLN B 295 -24.59 14.66 -3.82
CA GLN B 295 -25.89 14.80 -3.14
C GLN B 295 -26.24 13.56 -2.30
N ARG B 296 -25.36 13.25 -1.35
CA ARG B 296 -25.58 12.09 -0.48
C ARG B 296 -25.28 12.46 0.97
N ARG B 297 -25.84 11.69 1.89
CA ARG B 297 -25.43 11.76 3.29
C ARG B 297 -24.51 10.59 3.61
N VAL B 298 -23.35 10.91 4.19
CA VAL B 298 -22.30 9.90 4.44
C VAL B 298 -22.03 9.75 5.94
N VAL B 299 -21.94 8.51 6.40
CA VAL B 299 -21.68 8.21 7.82
C VAL B 299 -20.27 7.66 8.07
N TRP B 300 -19.59 8.26 9.03
CA TRP B 300 -18.28 7.82 9.53
C TRP B 300 -18.45 7.14 10.87
N ALA B 301 -17.67 6.08 11.13
CA ALA B 301 -17.65 5.43 12.45
C ALA B 301 -16.35 4.64 12.66
N TRP B 302 -15.91 4.53 13.92
CA TRP B 302 -14.69 3.80 14.23
C TRP B 302 -14.94 2.42 14.82
N THR B 303 -14.00 1.52 14.57
CA THR B 303 -14.05 0.14 15.05
C THR B 303 -12.80 -0.16 15.88
N LYS B 304 -13.01 -0.31 17.19
CA LYS B 304 -11.93 -0.59 18.14
C LYS B 304 -11.29 -1.95 17.89
N GLU B 305 -10.01 -2.08 18.26
CA GLU B 305 -9.37 -3.39 18.36
C GLU B 305 -10.20 -4.31 19.25
N LEU B 306 -10.27 -5.58 18.87
CA LEU B 306 -10.87 -6.62 19.72
C LEU B 306 -9.84 -7.63 20.24
N ASP B 307 -8.58 -7.23 20.24
CA ASP B 307 -7.49 -8.06 20.79
C ASP B 307 -7.02 -7.48 22.13
N SER B 308 -5.90 -7.98 22.65
CA SER B 308 -5.39 -7.50 23.94
C SER B 308 -4.62 -6.18 23.82
N GLU B 309 -4.63 -5.39 24.90
CA GLU B 309 -3.83 -4.15 24.96
C GLU B 309 -2.34 -4.46 24.90
N VAL B 310 -1.94 -5.60 25.48
CA VAL B 310 -0.57 -6.11 25.35
C VAL B 310 -0.14 -6.17 23.88
N ALA B 311 -0.97 -6.78 23.05
CA ALA B 311 -0.72 -6.88 21.61
C ALA B 311 -0.69 -5.51 20.92
N ASP B 312 -1.62 -4.63 21.33
CA ASP B 312 -1.70 -3.28 20.74
C ASP B 312 -0.42 -2.48 21.02
N ARG B 313 0.08 -2.59 22.25
CA ARG B 313 1.31 -1.90 22.61
C ARG B 313 2.53 -2.48 21.88
N GLU B 314 2.51 -3.79 21.64
CA GLU B 314 3.56 -4.44 20.86
C GLU B 314 3.60 -4.00 19.40
N LYS B 315 2.43 -3.94 18.76
CA LYS B 315 2.34 -3.55 17.35
C LYS B 315 2.44 -2.03 17.16
N GLY B 316 2.17 -1.28 18.23
CA GLY B 316 2.35 0.18 18.24
C GLY B 316 1.21 1.03 17.68
N TRP B 317 0.07 0.42 17.41
CA TRP B 317 -1.11 1.14 16.90
C TRP B 317 -2.41 0.49 17.38
N ALA B 318 -3.51 1.23 17.30
CA ALA B 318 -4.82 0.71 17.68
C ALA B 318 -5.95 1.42 16.97
N ASN B 319 -6.86 0.63 16.40
CA ASN B 319 -8.18 1.06 15.84
C ASN B 319 -8.15 1.56 14.40
N VAL B 320 -9.27 1.36 13.70
CA VAL B 320 -9.45 1.80 12.30
C VAL B 320 -10.83 2.43 12.10
N GLN B 321 -11.03 3.16 11.01
CA GLN B 321 -12.37 3.59 10.60
C GLN B 321 -12.93 2.57 9.63
N THR B 322 -14.26 2.41 9.63
CA THR B 322 -14.91 1.66 8.55
C THR B 322 -14.79 2.47 7.25
N ILE B 323 -15.02 1.81 6.12
CA ILE B 323 -15.21 2.54 4.88
C ILE B 323 -16.49 3.39 5.08
N PRO B 324 -16.46 4.69 4.71
CA PRO B 324 -17.67 5.51 4.88
C PRO B 324 -18.86 4.94 4.13
N ARG B 325 -20.06 5.16 4.65
CA ARG B 325 -21.29 4.60 4.08
C ARG B 325 -22.31 5.68 3.74
N THR B 326 -23.07 5.46 2.66
CA THR B 326 -24.25 6.31 2.40
C THR B 326 -25.39 5.91 3.34
N VAL B 327 -26.24 6.89 3.64
CA VAL B 327 -27.45 6.66 4.45
C VAL B 327 -28.67 7.13 3.65
N LEU B 328 -29.63 6.24 3.51
CA LEU B 328 -30.93 6.54 2.87
C LEU B 328 -32.04 5.83 3.63
N LEU B 329 -33.25 6.38 3.56
CA LEU B 329 -34.41 5.68 4.11
C LEU B 329 -34.74 4.48 3.24
N ASP B 330 -35.04 3.34 3.86
CA ASP B 330 -35.52 2.17 3.13
C ASP B 330 -36.98 2.41 2.75
N GLN B 331 -37.22 2.67 1.47
CA GLN B 331 -38.57 2.99 0.99
C GLN B 331 -39.44 1.75 0.83
N LYS B 332 -38.82 0.57 0.91
CA LYS B 332 -39.55 -0.70 0.81
C LYS B 332 -40.17 -1.12 2.15
N THR B 333 -39.58 -0.65 3.26
CA THR B 333 -40.13 -0.92 4.60
C THR B 333 -40.66 0.33 5.30
N GLY B 334 -39.95 1.45 5.13
CA GLY B 334 -40.25 2.70 5.83
C GLY B 334 -39.82 2.74 7.30
N THR B 335 -39.19 1.65 7.76
CA THR B 335 -38.92 1.46 9.20
C THR B 335 -37.46 1.19 9.55
N ASN B 336 -36.58 1.26 8.54
CA ASN B 336 -35.13 1.22 8.74
C ASN B 336 -34.41 2.08 7.72
N VAL B 337 -33.15 2.39 7.98
CA VAL B 337 -32.30 3.00 6.96
C VAL B 337 -31.54 1.93 6.17
N LEU B 338 -30.99 2.33 5.03
CA LEU B 338 -30.06 1.50 4.26
C LEU B 338 -28.67 2.13 4.36
N LEU B 339 -27.69 1.33 4.75
CA LEU B 339 -26.28 1.74 4.76
C LEU B 339 -25.49 0.92 3.74
N TRP B 340 -24.65 1.59 2.95
CA TRP B 340 -23.90 0.94 1.88
C TRP B 340 -22.57 1.65 1.68
N PRO B 341 -21.48 0.88 1.47
CA PRO B 341 -20.18 1.52 1.23
C PRO B 341 -20.24 2.55 0.11
N VAL B 342 -19.55 3.68 0.27
CA VAL B 342 -19.50 4.71 -0.77
C VAL B 342 -18.98 4.12 -2.08
N GLU B 343 -19.57 4.54 -3.20
CA GLU B 343 -19.29 3.92 -4.50
C GLU B 343 -17.83 3.96 -4.93
N GLU B 344 -17.07 4.92 -4.37
CA GLU B 344 -15.66 5.09 -4.69
C GLU B 344 -14.79 3.92 -4.22
N VAL B 345 -15.31 3.09 -3.30
CA VAL B 345 -14.58 1.89 -2.86
C VAL B 345 -14.34 0.93 -4.05
N GLU B 346 -15.22 1.00 -5.05
CA GLU B 346 -15.10 0.17 -6.24
C GLU B 346 -13.87 0.49 -7.10
N SER B 347 -13.31 1.69 -6.92
CA SER B 347 -12.08 2.09 -7.61
C SER B 347 -10.87 1.24 -7.22
N LEU B 348 -10.98 0.51 -6.11
CA LEU B 348 -9.91 -0.37 -5.62
C LEU B 348 -9.93 -1.75 -6.26
N ARG B 349 -11.04 -2.12 -6.90
CA ARG B 349 -11.21 -3.44 -7.51
C ARG B 349 -10.21 -3.65 -8.65
N LEU B 350 -9.44 -4.73 -8.58
CA LEU B 350 -8.41 -5.02 -9.58
C LEU B 350 -8.86 -6.00 -10.67
N SER B 351 -9.44 -7.12 -10.24
CA SER B 351 -9.88 -8.19 -11.11
C SER B 351 -10.99 -8.95 -10.42
N SER B 352 -11.81 -9.64 -11.19
CA SER B 352 -12.94 -10.38 -10.64
C SER B 352 -12.92 -11.85 -11.02
N LYS B 353 -13.54 -12.66 -10.18
CA LYS B 353 -13.85 -14.05 -10.51
C LYS B 353 -15.30 -14.34 -10.14
N GLU B 354 -15.99 -15.06 -11.02
CA GLU B 354 -17.41 -15.39 -10.82
C GLU B 354 -17.62 -16.86 -10.55
N PHE B 355 -18.53 -17.16 -9.63
CA PHE B 355 -18.95 -18.52 -9.32
C PHE B 355 -20.46 -18.61 -9.51
N SER B 356 -20.90 -19.32 -10.54
CA SER B 356 -22.31 -19.34 -10.93
C SER B 356 -23.04 -20.61 -10.51
N LYS B 357 -24.13 -20.42 -9.75
CA LYS B 357 -25.04 -21.51 -9.34
C LYS B 357 -24.31 -22.68 -8.65
N VAL B 358 -23.51 -22.36 -7.65
CA VAL B 358 -22.77 -23.35 -6.86
C VAL B 358 -23.70 -24.02 -5.85
N LYS B 359 -23.75 -25.35 -5.90
CA LYS B 359 -24.60 -26.13 -5.01
C LYS B 359 -23.87 -26.50 -3.72
N ALA B 360 -24.55 -26.32 -2.59
CA ALA B 360 -24.05 -26.77 -1.30
C ALA B 360 -25.14 -27.56 -0.58
N GLY B 361 -24.94 -28.88 -0.50
CA GLY B 361 -25.88 -29.77 0.17
C GLY B 361 -25.86 -29.57 1.67
N ALA B 362 -26.86 -30.12 2.36
CA ALA B 362 -26.95 -30.01 3.81
C ALA B 362 -25.70 -30.58 4.48
N GLY B 363 -25.07 -29.77 5.32
CA GLY B 363 -23.86 -30.17 6.06
C GLY B 363 -22.56 -30.17 5.26
N SER B 364 -22.49 -29.36 4.21
CA SER B 364 -21.33 -29.36 3.32
C SER B 364 -20.51 -28.07 3.39
N VAL B 365 -19.27 -28.16 2.93
CA VAL B 365 -18.35 -27.03 2.80
C VAL B 365 -17.73 -27.11 1.39
N VAL B 366 -17.76 -25.99 0.66
CA VAL B 366 -17.27 -25.93 -0.72
C VAL B 366 -16.18 -24.86 -0.84
N PRO B 367 -14.94 -25.28 -1.17
CA PRO B 367 -13.86 -24.31 -1.36
C PRO B 367 -14.08 -23.40 -2.57
N LEU B 368 -13.78 -22.12 -2.41
CA LEU B 368 -13.86 -21.15 -3.50
C LEU B 368 -12.46 -20.62 -3.81
N ASP B 369 -11.87 -21.14 -4.89
CA ASP B 369 -10.49 -20.79 -5.26
C ASP B 369 -10.42 -19.38 -5.84
N VAL B 370 -9.95 -18.44 -5.03
CA VAL B 370 -9.82 -17.04 -5.42
C VAL B 370 -8.37 -16.55 -5.36
N GLY B 371 -7.44 -17.45 -5.06
CA GLY B 371 -6.06 -17.06 -4.74
C GLY B 371 -5.98 -16.51 -3.32
N THR B 372 -5.28 -15.39 -3.16
CA THR B 372 -5.19 -14.72 -1.85
C THR B 372 -6.56 -14.19 -1.43
N ALA B 373 -6.88 -14.31 -0.14
CA ALA B 373 -8.22 -14.00 0.34
C ALA B 373 -8.22 -13.06 1.54
N THR B 374 -7.42 -12.00 1.45
CA THR B 374 -7.27 -11.05 2.55
C THR B 374 -7.63 -9.60 2.21
N GLN B 375 -7.76 -9.31 0.91
CA GLN B 375 -8.18 -7.99 0.42
C GLN B 375 -9.24 -8.21 -0.65
N LEU B 376 -10.51 -8.26 -0.22
CA LEU B 376 -11.60 -8.69 -1.11
C LEU B 376 -12.88 -7.85 -1.01
N ASP B 377 -13.57 -7.74 -2.14
CA ASP B 377 -14.97 -7.29 -2.17
C ASP B 377 -15.78 -8.50 -2.67
N ILE B 378 -16.75 -8.95 -1.87
CA ILE B 378 -17.56 -10.13 -2.21
C ILE B 378 -19.05 -9.78 -2.28
N ILE B 379 -19.69 -10.09 -3.40
CA ILE B 379 -21.14 -9.97 -3.51
C ILE B 379 -21.74 -11.34 -3.80
N ALA B 380 -22.65 -11.78 -2.94
CA ALA B 380 -23.22 -13.13 -3.01
C ALA B 380 -24.74 -13.17 -2.84
N GLU B 381 -25.38 -14.07 -3.56
CA GLU B 381 -26.82 -14.33 -3.40
C GLU B 381 -27.06 -15.82 -3.12
N PHE B 382 -28.06 -16.10 -2.28
CA PHE B 382 -28.35 -17.46 -1.85
C PHE B 382 -29.83 -17.78 -2.02
N GLU B 383 -30.12 -19.00 -2.43
CA GLU B 383 -31.47 -19.51 -2.50
C GLU B 383 -31.54 -20.87 -1.83
N ILE B 384 -32.64 -21.12 -1.11
CA ILE B 384 -32.92 -22.44 -0.56
C ILE B 384 -33.64 -23.26 -1.62
N ASP B 385 -33.03 -24.36 -2.03
CA ASP B 385 -33.56 -25.20 -3.11
C ASP B 385 -34.81 -25.93 -2.66
N LYS B 386 -35.86 -25.84 -3.49
CA LYS B 386 -37.09 -26.58 -3.25
C LYS B 386 -36.96 -28.04 -3.69
N GLU B 387 -35.91 -28.32 -4.45
CA GLU B 387 -35.54 -29.66 -4.96
C GLU B 387 -35.75 -30.78 -3.93
N GLY B 398 -36.57 -18.44 21.77
CA GLY B 398 -36.36 -18.38 20.33
C GLY B 398 -34.92 -18.09 19.97
N TYR B 399 -34.58 -18.29 18.69
CA TYR B 399 -33.21 -18.06 18.19
C TYR B 399 -32.76 -16.61 18.40
N ASN B 400 -31.46 -16.46 18.67
CA ASN B 400 -30.80 -15.19 18.93
C ASN B 400 -29.32 -15.38 18.60
N CYS B 401 -28.80 -14.62 17.63
CA CYS B 401 -27.39 -14.79 17.19
C CYS B 401 -26.45 -14.84 18.40
N THR B 402 -26.66 -13.91 19.33
CA THR B 402 -25.74 -13.68 20.46
C THR B 402 -25.62 -14.88 21.41
N THR B 403 -26.73 -15.60 21.60
CA THR B 403 -26.75 -16.76 22.51
C THR B 403 -26.62 -18.09 21.77
N SER B 404 -26.51 -18.03 20.44
CA SER B 404 -26.43 -19.24 19.62
C SER B 404 -25.03 -19.87 19.67
N GLY B 405 -24.93 -21.10 19.18
CA GLY B 405 -23.63 -21.74 19.00
C GLY B 405 -22.95 -21.37 17.68
N GLY B 406 -23.46 -20.33 17.02
CA GLY B 406 -22.91 -19.87 15.74
C GLY B 406 -23.12 -20.89 14.64
N ALA B 407 -22.11 -21.02 13.76
CA ALA B 407 -22.18 -21.94 12.62
C ALA B 407 -22.30 -23.42 13.03
N ALA B 408 -21.91 -23.73 14.26
CA ALA B 408 -22.02 -25.09 14.80
C ALA B 408 -23.44 -25.50 15.23
N GLU B 409 -24.30 -24.51 15.47
CA GLU B 409 -25.69 -24.78 15.86
C GLU B 409 -26.58 -25.01 14.63
N ARG B 410 -26.83 -26.27 14.32
CA ARG B 410 -27.55 -26.64 13.10
C ARG B 410 -29.06 -26.64 13.30
N GLY B 411 -29.77 -26.01 12.35
CA GLY B 411 -31.23 -26.02 12.33
C GLY B 411 -31.74 -26.53 10.99
N VAL B 412 -33.06 -26.58 10.82
CA VAL B 412 -33.65 -27.08 9.58
C VAL B 412 -33.31 -26.19 8.38
N LEU B 413 -33.37 -24.86 8.59
CA LEU B 413 -33.18 -23.89 7.51
C LEU B 413 -32.04 -22.90 7.79
N GLY B 414 -31.00 -23.39 8.45
CA GLY B 414 -29.80 -22.60 8.71
C GLY B 414 -28.84 -23.36 9.62
N PRO B 415 -27.61 -22.87 9.78
CA PRO B 415 -27.02 -21.68 9.15
C PRO B 415 -26.36 -21.98 7.79
N PHE B 416 -26.38 -21.00 6.90
CA PHE B 416 -25.67 -21.10 5.61
C PHE B 416 -25.08 -19.75 5.22
N GLY B 417 -23.94 -19.77 4.53
CA GLY B 417 -23.27 -18.53 4.14
C GLY B 417 -21.84 -18.75 3.72
N LEU B 418 -20.95 -17.88 4.17
CA LEU B 418 -19.55 -17.93 3.80
C LEU B 418 -18.63 -18.10 5.00
N LEU B 419 -17.50 -18.74 4.77
CA LEU B 419 -16.40 -18.77 5.74
C LEU B 419 -15.26 -17.92 5.20
N VAL B 420 -14.95 -16.82 5.90
CA VAL B 420 -13.79 -15.99 5.56
C VAL B 420 -12.67 -16.19 6.59
N SER B 421 -11.48 -15.68 6.28
CA SER B 421 -10.31 -15.81 7.16
C SER B 421 -10.12 -17.24 7.66
N ALA B 422 -10.24 -18.20 6.76
CA ALA B 422 -10.23 -19.62 7.11
C ALA B 422 -8.94 -20.31 6.67
N THR B 423 -8.50 -21.29 7.45
CA THR B 423 -7.41 -22.17 7.02
C THR B 423 -7.98 -23.29 6.15
N GLU B 424 -7.11 -23.99 5.42
CA GLU B 424 -7.54 -25.04 4.50
C GLU B 424 -8.32 -26.19 5.17
N ASN B 425 -7.96 -26.49 6.43
CA ASN B 425 -8.63 -27.55 7.19
C ASN B 425 -9.61 -27.00 8.27
N LEU B 426 -9.92 -25.71 8.17
CA LEU B 426 -10.88 -25.04 9.06
C LEU B 426 -10.47 -24.98 10.55
N SER B 427 -9.17 -25.09 10.82
CA SER B 427 -8.63 -24.90 12.18
C SER B 427 -8.94 -23.49 12.70
N GLU B 428 -9.00 -22.53 11.78
CA GLU B 428 -9.54 -21.19 12.04
C GLU B 428 -10.56 -20.87 10.95
N GLN B 429 -11.62 -20.14 11.33
CA GLN B 429 -12.68 -19.74 10.41
C GLN B 429 -13.54 -18.63 10.99
N THR B 430 -14.06 -17.75 10.12
CA THR B 430 -15.01 -16.71 10.52
C THR B 430 -16.26 -16.80 9.63
N PRO B 431 -17.31 -17.51 10.10
CA PRO B 431 -18.58 -17.60 9.38
C PRO B 431 -19.37 -16.29 9.37
N VAL B 432 -19.91 -15.93 8.21
CA VAL B 432 -20.95 -14.91 8.09
C VAL B 432 -22.13 -15.61 7.44
N TYR B 433 -23.30 -15.57 8.09
CA TYR B 433 -24.40 -16.47 7.70
C TYR B 433 -25.83 -15.96 7.87
N PHE B 434 -26.73 -16.61 7.14
CA PHE B 434 -28.18 -16.48 7.33
C PHE B 434 -28.71 -17.70 8.10
N TYR B 435 -29.73 -17.47 8.93
CA TYR B 435 -30.41 -18.55 9.63
C TYR B 435 -31.91 -18.22 9.64
N ILE B 436 -32.71 -19.10 9.06
CA ILE B 436 -34.15 -18.90 8.99
C ILE B 436 -34.83 -19.65 10.14
N ALA B 437 -35.43 -18.90 11.06
CA ALA B 437 -36.05 -19.46 12.26
C ALA B 437 -37.57 -19.30 12.25
N LYS B 438 -38.27 -20.18 12.96
CA LYS B 438 -39.71 -20.05 13.18
C LYS B 438 -39.99 -19.06 14.30
N GLY B 439 -40.97 -18.18 14.09
CA GLY B 439 -41.29 -17.14 15.07
C GLY B 439 -42.64 -17.32 15.75
N THR B 440 -42.84 -16.62 16.87
CA THR B 440 -44.15 -16.59 17.55
C THR B 440 -45.13 -15.76 16.72
N ASP B 441 -45.72 -16.44 15.74
CA ASP B 441 -46.52 -15.84 14.67
C ASP B 441 -46.92 -16.97 13.73
N GLY B 442 -46.03 -17.94 13.61
CA GLY B 442 -46.15 -19.00 12.62
C GLY B 442 -45.28 -18.70 11.41
N ASN B 443 -44.84 -17.45 11.33
CA ASN B 443 -44.04 -16.96 10.20
C ASN B 443 -42.54 -17.16 10.42
N PHE B 444 -41.77 -16.96 9.37
CA PHE B 444 -40.32 -17.05 9.46
C PHE B 444 -39.69 -15.71 9.85
N LYS B 445 -38.59 -15.80 10.58
CA LYS B 445 -37.70 -14.66 10.83
C LYS B 445 -36.34 -15.02 10.25
N THR B 446 -35.72 -14.08 9.55
CA THR B 446 -34.38 -14.30 9.00
C THR B 446 -33.35 -13.60 9.86
N PHE B 447 -32.36 -14.35 10.34
CA PHE B 447 -31.23 -13.80 11.10
C PHE B 447 -29.99 -13.70 10.23
N PHE B 448 -29.21 -12.65 10.47
CA PHE B 448 -27.93 -12.42 9.79
C PHE B 448 -26.89 -12.28 10.89
N CYS B 449 -25.90 -13.18 10.91
CA CYS B 449 -24.92 -13.23 12.02
C CYS B 449 -23.46 -13.33 11.55
N LEU B 450 -22.55 -12.89 12.42
CA LEU B 450 -21.11 -13.06 12.24
C LEU B 450 -20.53 -13.76 13.48
N ASP B 451 -19.86 -14.88 13.26
CA ASP B 451 -19.41 -15.80 14.32
C ASP B 451 -17.89 -15.69 14.53
N GLU B 452 -17.46 -15.14 15.68
CA GLU B 452 -16.03 -14.99 16.02
C GLU B 452 -15.47 -16.15 16.85
N SER B 453 -16.32 -17.11 17.21
CA SER B 453 -15.97 -18.12 18.22
C SER B 453 -14.76 -18.98 17.90
N ARG B 454 -14.50 -19.20 16.61
CA ARG B 454 -13.33 -19.99 16.18
C ARG B 454 -12.43 -19.21 15.22
N SER B 455 -12.48 -17.88 15.30
CA SER B 455 -11.77 -17.00 14.35
C SER B 455 -10.26 -17.07 14.49
N SER B 456 -9.80 -17.42 15.68
CA SER B 456 -8.38 -17.48 15.99
C SER B 456 -8.09 -18.52 17.06
N LYS B 457 -6.94 -19.18 16.95
CA LYS B 457 -6.47 -20.11 17.99
C LYS B 457 -6.01 -19.38 19.25
N ALA B 458 -5.72 -18.09 19.13
CA ALA B 458 -5.40 -17.25 20.28
C ALA B 458 -6.62 -17.09 21.18
N SER B 459 -6.41 -17.18 22.49
CA SER B 459 -7.52 -17.04 23.43
C SER B 459 -7.61 -15.64 24.05
N ASP B 460 -6.72 -14.73 23.62
CA ASP B 460 -6.68 -13.36 24.15
C ASP B 460 -7.37 -12.35 23.21
N VAL B 461 -8.36 -12.83 22.47
CA VAL B 461 -9.17 -12.01 21.54
C VAL B 461 -10.67 -12.31 21.73
N SER B 462 -11.52 -11.46 21.15
CA SER B 462 -12.97 -11.61 21.23
C SER B 462 -13.49 -12.89 20.53
N LYS B 463 -14.47 -13.53 21.15
CA LYS B 463 -15.04 -14.81 20.67
C LYS B 463 -16.56 -14.79 20.52
N GLN B 464 -17.13 -13.59 20.37
CA GLN B 464 -18.58 -13.37 20.34
C GLN B 464 -19.25 -13.81 19.04
N VAL B 465 -20.55 -14.12 19.11
CA VAL B 465 -21.38 -14.18 17.91
C VAL B 465 -22.24 -12.91 17.89
N LYS B 466 -22.23 -12.20 16.76
CA LYS B 466 -22.92 -10.92 16.61
C LYS B 466 -24.02 -11.02 15.56
N GLY B 467 -25.02 -10.16 15.65
CA GLY B 467 -26.07 -10.11 14.62
C GLY B 467 -27.47 -9.75 15.10
N PHE B 468 -28.44 -9.88 14.20
CA PHE B 468 -29.84 -9.50 14.44
C PHE B 468 -30.72 -10.08 13.34
N THR B 469 -32.03 -9.85 13.41
CA THR B 469 -32.90 -10.15 12.29
C THR B 469 -32.64 -9.16 11.15
N VAL B 470 -33.11 -9.52 9.95
CA VAL B 470 -33.07 -8.63 8.79
C VAL B 470 -34.37 -8.85 8.00
N PRO B 471 -35.02 -7.76 7.56
CA PRO B 471 -36.20 -7.95 6.72
C PRO B 471 -35.87 -8.56 5.36
N VAL B 472 -36.58 -9.63 5.01
CA VAL B 472 -36.49 -10.26 3.69
C VAL B 472 -37.89 -10.24 3.08
N LEU B 473 -38.07 -9.52 1.98
CA LEU B 473 -39.39 -9.31 1.40
C LEU B 473 -39.70 -10.28 0.26
N ASP B 474 -40.99 -10.40 -0.07
CA ASP B 474 -41.44 -11.29 -1.15
C ASP B 474 -40.64 -11.10 -2.43
N GLY B 475 -40.13 -12.20 -2.96
CA GLY B 475 -39.38 -12.18 -4.23
C GLY B 475 -37.88 -11.99 -4.12
N GLU B 476 -37.39 -11.65 -2.92
CA GLU B 476 -35.98 -11.38 -2.72
C GLU B 476 -35.17 -12.65 -2.44
N LYS B 477 -33.98 -12.71 -3.03
CA LYS B 477 -32.97 -13.69 -2.62
C LYS B 477 -32.32 -13.21 -1.33
N PHE B 478 -31.69 -14.13 -0.61
CA PHE B 478 -30.83 -13.76 0.51
C PHE B 478 -29.52 -13.26 -0.07
N THR B 479 -29.17 -12.01 0.22
CA THR B 479 -27.99 -11.40 -0.39
C THR B 479 -27.07 -10.81 0.67
N MET B 480 -25.77 -11.01 0.49
CA MET B 480 -24.77 -10.42 1.37
C MET B 480 -23.60 -9.83 0.59
N ARG B 481 -23.03 -8.76 1.12
CA ARG B 481 -21.78 -8.22 0.61
C ARG B 481 -20.79 -8.18 1.75
N LEU B 482 -19.55 -8.61 1.47
CA LEU B 482 -18.48 -8.52 2.46
C LEU B 482 -17.31 -7.72 1.91
N LEU B 483 -16.78 -6.83 2.75
CA LEU B 483 -15.46 -6.25 2.53
C LEU B 483 -14.48 -6.92 3.50
N VAL B 484 -13.46 -7.56 2.96
CA VAL B 484 -12.43 -8.23 3.75
C VAL B 484 -11.12 -7.45 3.59
N ASP B 485 -10.54 -7.02 4.70
CA ASP B 485 -9.30 -6.24 4.68
C ASP B 485 -8.44 -6.55 5.90
N HIS B 486 -7.64 -7.60 5.78
CA HIS B 486 -6.78 -8.05 6.88
C HIS B 486 -7.59 -8.22 8.19
N SER B 487 -7.30 -7.42 9.22
CA SER B 487 -7.96 -7.60 10.53
C SER B 487 -9.37 -7.00 10.70
N ILE B 488 -9.95 -6.45 9.62
CA ILE B 488 -11.33 -5.96 9.67
C ILE B 488 -12.22 -6.60 8.60
N VAL B 489 -13.42 -7.00 9.01
CA VAL B 489 -14.46 -7.53 8.11
C VAL B 489 -15.73 -6.70 8.26
N GLU B 490 -16.27 -6.22 7.12
CA GLU B 490 -17.55 -5.50 7.13
C GLU B 490 -18.56 -6.30 6.32
N SER B 491 -19.77 -6.47 6.87
CA SER B 491 -20.81 -7.27 6.22
C SER B 491 -22.15 -6.53 6.10
N PHE B 492 -22.85 -6.79 4.99
CA PHE B 492 -24.10 -6.10 4.65
C PHE B 492 -25.13 -7.11 4.12
N ALA B 493 -26.33 -7.12 4.70
CA ALA B 493 -27.42 -7.99 4.22
C ALA B 493 -28.56 -7.20 3.59
N GLN B 494 -29.16 -7.79 2.55
CA GLN B 494 -30.31 -7.22 1.83
C GLN B 494 -30.09 -5.76 1.41
N GLY B 495 -28.89 -5.46 0.90
CA GLY B 495 -28.57 -4.12 0.43
C GLY B 495 -28.29 -3.12 1.55
N GLY B 496 -28.00 -3.64 2.74
CA GLY B 496 -27.65 -2.82 3.89
C GLY B 496 -28.78 -2.52 4.87
N ARG B 497 -29.81 -3.38 4.90
CA ARG B 497 -30.85 -3.31 5.92
C ARG B 497 -30.28 -3.68 7.28
N SER B 498 -29.29 -4.55 7.26
CA SER B 498 -28.53 -4.92 8.45
C SER B 498 -27.05 -4.99 8.11
N CYS B 499 -26.22 -4.46 9.01
CA CYS B 499 -24.77 -4.45 8.84
C CYS B 499 -24.10 -5.04 10.08
N ILE B 500 -23.01 -5.79 9.89
CA ILE B 500 -22.17 -6.24 11.01
C ILE B 500 -20.68 -6.06 10.71
N THR B 501 -20.01 -5.28 11.56
CA THR B 501 -18.58 -5.07 11.44
C THR B 501 -17.84 -5.77 12.59
N SER B 502 -16.75 -6.45 12.28
CA SER B 502 -15.92 -7.02 13.35
C SER B 502 -14.42 -7.02 13.04
N ARG B 503 -13.64 -7.46 14.01
CA ARG B 503 -12.19 -7.56 13.89
C ARG B 503 -11.77 -9.00 14.11
N VAL B 504 -10.85 -9.49 13.27
CA VAL B 504 -10.34 -10.86 13.36
C VAL B 504 -8.82 -10.88 13.47
N TYR B 505 -8.29 -11.83 14.25
CA TYR B 505 -6.86 -11.91 14.54
C TYR B 505 -6.33 -13.34 14.39
N PRO B 506 -6.42 -13.90 13.17
CA PRO B 506 -5.99 -15.30 12.99
C PRO B 506 -4.50 -15.48 13.21
N THR B 507 -4.13 -16.65 13.72
CA THR B 507 -2.73 -16.97 13.96
C THR B 507 -2.15 -17.74 12.77
N GLU B 508 -3.02 -18.40 12.01
CA GLU B 508 -2.60 -19.23 10.89
C GLU B 508 -3.21 -18.82 9.55
N ALA B 509 -4.46 -18.36 9.57
CA ALA B 509 -5.15 -17.93 8.34
C ALA B 509 -4.73 -16.50 7.94
N ILE B 510 -3.43 -16.36 7.65
CA ILE B 510 -2.83 -15.08 7.29
C ILE B 510 -1.95 -15.24 6.06
N TYR B 511 -1.64 -14.12 5.39
CA TYR B 511 -0.93 -14.14 4.10
C TYR B 511 -1.58 -15.14 3.12
N GLY B 512 -0.78 -15.99 2.48
CA GLY B 512 -1.30 -16.92 1.47
C GLY B 512 -2.12 -18.08 2.03
N ALA B 513 -2.08 -18.26 3.35
CA ALA B 513 -2.77 -19.37 4.01
C ALA B 513 -4.26 -19.11 4.29
N ALA B 514 -4.69 -17.85 4.15
CA ALA B 514 -6.11 -17.51 4.30
C ALA B 514 -6.91 -18.00 3.09
N LYS B 515 -8.09 -18.58 3.37
CA LYS B 515 -8.96 -19.17 2.35
C LYS B 515 -10.40 -18.67 2.48
N LEU B 516 -11.22 -18.97 1.47
CA LEU B 516 -12.64 -18.62 1.42
C LEU B 516 -13.46 -19.87 1.07
N PHE B 517 -14.58 -20.07 1.77
CA PHE B 517 -15.48 -21.22 1.55
C PHE B 517 -16.94 -20.79 1.49
N LEU B 518 -17.74 -21.55 0.74
CA LEU B 518 -19.19 -21.54 0.88
C LEU B 518 -19.57 -22.68 1.81
N PHE B 519 -20.54 -22.46 2.71
CA PHE B 519 -20.97 -23.53 3.60
C PHE B 519 -22.49 -23.59 3.79
N ASN B 520 -22.98 -24.79 4.04
CA ASN B 520 -24.37 -24.99 4.41
C ASN B 520 -24.45 -25.99 5.55
N ASN B 521 -24.77 -25.50 6.75
CA ASN B 521 -24.92 -26.39 7.91
C ASN B 521 -26.38 -26.58 8.33
N ALA B 522 -27.31 -26.23 7.45
CA ALA B 522 -28.72 -26.61 7.62
C ALA B 522 -28.84 -28.14 7.54
N THR B 523 -29.93 -28.67 8.08
CA THR B 523 -30.18 -30.12 8.04
C THR B 523 -31.28 -30.48 7.04
N GLY B 524 -32.12 -29.50 6.70
CA GLY B 524 -33.36 -29.78 5.96
C GLY B 524 -33.38 -29.49 4.47
N ALA B 525 -32.37 -28.80 3.95
CA ALA B 525 -32.37 -28.40 2.55
C ALA B 525 -30.96 -28.09 2.04
N SER B 526 -30.77 -28.17 0.73
CA SER B 526 -29.56 -27.70 0.09
C SER B 526 -29.75 -26.24 -0.34
N ILE B 527 -28.66 -25.55 -0.62
CA ILE B 527 -28.71 -24.18 -1.11
C ILE B 527 -27.94 -24.03 -2.42
N THR B 528 -28.31 -23.01 -3.20
CA THR B 528 -27.59 -22.65 -4.41
C THR B 528 -27.16 -21.19 -4.32
N ALA B 529 -25.88 -20.95 -4.58
CA ALA B 529 -25.31 -19.60 -4.44
C ALA B 529 -24.57 -19.13 -5.69
N SER B 530 -24.69 -17.83 -6.00
CA SER B 530 -23.90 -17.21 -7.05
C SER B 530 -23.09 -16.08 -6.43
N LEU B 531 -21.81 -15.99 -6.81
CA LEU B 531 -20.88 -15.03 -6.22
C LEU B 531 -20.04 -14.32 -7.26
N LYS B 532 -19.72 -13.05 -6.98
CA LYS B 532 -18.70 -12.32 -7.73
C LYS B 532 -17.70 -11.76 -6.70
N ILE B 533 -16.43 -12.04 -6.92
CA ILE B 533 -15.38 -11.67 -5.96
C ILE B 533 -14.27 -10.87 -6.66
N TRP B 534 -13.95 -9.71 -6.08
CA TRP B 534 -12.89 -8.84 -6.60
C TRP B 534 -11.70 -8.79 -5.64
N GLU B 535 -10.48 -8.94 -6.18
CA GLU B 535 -9.27 -8.61 -5.42
C GLU B 535 -9.19 -7.09 -5.29
N MET B 536 -8.76 -6.62 -4.11
CA MET B 536 -8.71 -5.17 -3.84
C MET B 536 -7.29 -4.64 -3.69
N ASN B 537 -7.02 -3.52 -4.36
CA ASN B 537 -5.72 -2.83 -4.25
C ASN B 537 -5.61 -2.11 -2.91
N SER B 538 -4.39 -1.71 -2.55
CA SER B 538 -4.16 -0.72 -1.49
C SER B 538 -4.78 0.63 -1.83
N ALA B 539 -5.18 1.39 -0.80
CA ALA B 539 -5.60 2.79 -0.97
C ALA B 539 -4.40 3.74 -0.97
N PHE B 540 -3.22 3.18 -0.73
CA PHE B 540 -1.95 3.93 -0.72
C PHE B 540 -1.98 5.17 0.18
N ILE B 541 -2.53 5.00 1.38
CA ILE B 541 -2.63 6.11 2.33
C ILE B 541 -1.21 6.52 2.76
N GLN B 542 -0.92 7.81 2.65
CA GLN B 542 0.46 8.33 2.78
C GLN B 542 0.42 9.84 3.05
N PRO B 543 1.57 10.44 3.43
CA PRO B 543 1.62 11.90 3.63
C PRO B 543 1.23 12.70 2.38
N PHE B 544 0.55 13.82 2.58
CA PHE B 544 0.22 14.73 1.48
C PHE B 544 1.50 15.21 0.80
N HIS B 545 1.50 15.26 -0.52
CA HIS B 545 2.67 15.68 -1.29
C HIS B 545 2.78 17.20 -1.40
#